data_6QDX
#
_entry.id   6QDX
#
_cell.length_a   66.420
_cell.length_b   170.730
_cell.length_c   66.590
_cell.angle_alpha   90.00
_cell.angle_beta   118.32
_cell.angle_gamma   90.00
#
_symmetry.space_group_name_H-M   'P 1 21 1'
#
loop_
_entity.id
_entity.type
_entity.pdbx_description
1 polymer 'Ribosomal RNA large subunit methyltransferase J'
2 non-polymer '(2~{S})-4-[[(2~{S},3~{S},4~{R},5~{R})-5-(6-aminopurin-9-yl)-3,4-bis(oxidanyl)oxolan-2-yl]methyl-[3-[[9-[(2~{S},3~{R},4~{S},5~{S})-5-(hydroxymethyl)-3,4-bis(oxidanyl)oxolan-2-yl]purin-6-yl]amino]propyl]amino]-2-azanyl-butanoic acid'
3 water water
#
_entity_poly.entity_id   1
_entity_poly.type   'polypeptide(L)'
_entity_poly.pdbx_seq_one_letter_code
;GSHMLSYRHSFHAGNHADVLKHTVQSLIIESLKEKDKPFLYLDTHAGAGRYQLGSEHAERTGKYLEGIARIWQQDDLPAE
LEAYINVVKHFNRSGQLRYYPGSPLIARQLLREQDSLQLTELHPSDYPLLRSEFQKDSRARVEKADGFQQLKAKLPPVSR
RGLILIDPPYEMKTDYQAVVSGIAEGYKRFATGTYALWYPVVLRQQIKRMIHDLEATGIRKILQIELAVLPDSDRRGMTA
SGMIVINPPWKLEQQMNNVLPWLHSKLVPAGTGHATVSWIVPE
;
_entity_poly.pdbx_strand_id   A,B,C,D
#
loop_
_chem_comp.id
_chem_comp.type
_chem_comp.name
_chem_comp.formula
HY8 non-polymer '(2~{S})-4-[[(2~{S},3~{S},4~{R},5~{R})-5-(6-aminopurin-9-yl)-3,4-bis(oxidanyl)oxolan-2-yl]methyl-[3-[[9-[(2~{S},3~{R},4~{S},5~{S})-5-(hydroxymethyl)-3,4-bis(oxidanyl)oxolan-2-yl]purin-6-yl]amino]propyl]amino]-2-azanyl-butanoic acid' 'C27 H38 N12 O9'
#
# COMPACT_ATOMS: atom_id res chain seq x y z
N SER A 6 -21.98 -20.12 -34.25
CA SER A 6 -22.83 -19.36 -33.32
C SER A 6 -22.05 -18.94 -32.07
N TYR A 7 -22.31 -17.72 -31.60
CA TYR A 7 -21.52 -17.18 -30.50
C TYR A 7 -21.65 -18.06 -29.26
N ARG A 8 -20.60 -18.06 -28.45
CA ARG A 8 -20.57 -18.88 -27.26
C ARG A 8 -21.52 -18.34 -26.20
N HIS A 9 -22.26 -19.24 -25.55
CA HIS A 9 -22.94 -18.94 -24.30
C HIS A 9 -21.96 -19.09 -23.14
N SER A 10 -22.14 -18.25 -22.13
CA SER A 10 -21.28 -18.33 -20.95
C SER A 10 -22.07 -17.97 -19.71
N PHE A 11 -22.02 -18.83 -18.70
CA PHE A 11 -22.71 -18.55 -17.44
C PHE A 11 -21.99 -17.48 -16.63
N HIS A 12 -20.67 -17.39 -16.77
CA HIS A 12 -19.87 -16.46 -15.99
C HIS A 12 -19.65 -15.12 -16.66
N ALA A 13 -19.88 -14.99 -17.98
CA ALA A 13 -19.54 -13.76 -18.68
C ALA A 13 -20.29 -12.55 -18.10
N GLY A 14 -19.58 -11.44 -17.99
CA GLY A 14 -20.13 -10.20 -17.47
C GLY A 14 -20.32 -10.17 -15.96
N ASN A 15 -19.67 -11.08 -15.23
CA ASN A 15 -19.72 -11.11 -13.77
C ASN A 15 -18.93 -9.92 -13.20
N HIS A 16 -18.98 -9.76 -11.87
CA HIS A 16 -18.27 -8.63 -11.25
C HIS A 16 -16.79 -8.60 -11.66
N ALA A 17 -16.16 -9.77 -11.79
CA ALA A 17 -14.76 -9.81 -12.22
C ALA A 17 -14.60 -9.17 -13.58
N ASP A 18 -15.49 -9.51 -14.52
CA ASP A 18 -15.48 -8.91 -15.85
C ASP A 18 -15.67 -7.39 -15.78
N VAL A 19 -16.56 -6.91 -14.91
CA VAL A 19 -16.76 -5.48 -14.81
C VAL A 19 -15.47 -4.76 -14.40
N LEU A 20 -14.78 -5.30 -13.41
CA LEU A 20 -13.57 -4.64 -12.95
C LEU A 20 -12.48 -4.74 -14.00
N LYS A 21 -12.27 -5.94 -14.55
CA LYS A 21 -11.17 -6.16 -15.50
C LYS A 21 -11.34 -5.28 -16.74
N HIS A 22 -12.54 -5.26 -17.27
CA HIS A 22 -12.80 -4.53 -18.50
C HIS A 22 -12.89 -3.04 -18.26
N THR A 23 -13.33 -2.61 -17.06
CA THR A 23 -13.18 -1.22 -16.68
C THR A 23 -11.72 -0.78 -16.76
N VAL A 24 -10.83 -1.54 -16.09
CA VAL A 24 -9.41 -1.19 -16.03
C VAL A 24 -8.79 -1.27 -17.42
N GLN A 25 -9.11 -2.30 -18.19
CA GLN A 25 -8.61 -2.41 -19.57
C GLN A 25 -9.01 -1.19 -20.40
N SER A 26 -10.27 -0.76 -20.28
CA SER A 26 -10.73 0.37 -21.07
C SER A 26 -9.99 1.65 -20.69
N LEU A 27 -9.84 1.91 -19.37
CA LEU A 27 -9.14 3.12 -18.94
C LEU A 27 -7.66 3.10 -19.38
N ILE A 28 -7.00 1.96 -19.29
CA ILE A 28 -5.61 1.91 -19.77
C ILE A 28 -5.58 2.26 -21.25
N ILE A 29 -6.49 1.66 -22.02
CA ILE A 29 -6.54 1.92 -23.46
C ILE A 29 -6.82 3.39 -23.74
N GLU A 30 -7.78 3.97 -23.01
CA GLU A 30 -8.08 5.38 -23.21
C GLU A 30 -6.88 6.26 -22.90
N SER A 31 -6.04 5.85 -21.95
CA SER A 31 -4.83 6.62 -21.63
C SER A 31 -3.79 6.49 -22.74
N LEU A 32 -3.62 5.29 -23.29
CA LEU A 32 -2.64 5.12 -24.35
C LEU A 32 -3.05 5.85 -25.63
N LYS A 33 -4.36 6.07 -25.82
CA LYS A 33 -4.85 6.81 -26.98
C LYS A 33 -4.57 8.29 -26.91
N GLU A 34 -4.05 8.79 -25.80
CA GLU A 34 -3.74 10.21 -25.66
C GLU A 34 -2.51 10.62 -26.48
N LYS A 35 -1.74 9.66 -26.98
CA LYS A 35 -0.59 9.92 -27.84
C LYS A 35 -0.86 9.30 -29.22
N ASP A 36 -0.50 10.05 -30.27
CA ASP A 36 -0.87 9.70 -31.65
C ASP A 36 -0.22 8.39 -32.13
N LYS A 37 0.98 8.10 -31.66
CA LYS A 37 1.76 6.98 -32.15
C LYS A 37 1.04 5.67 -31.86
N PRO A 38 1.16 4.67 -32.74
CA PRO A 38 0.45 3.42 -32.50
C PRO A 38 0.99 2.67 -31.28
N PHE A 39 0.11 1.83 -30.73
CA PHE A 39 0.47 0.89 -29.69
C PHE A 39 -0.12 -0.46 -30.02
N LEU A 40 0.43 -1.48 -29.36
CA LEU A 40 -0.03 -2.84 -29.46
C LEU A 40 -0.97 -3.16 -28.30
N TYR A 41 -2.00 -3.93 -28.56
CA TYR A 41 -2.81 -4.58 -27.53
C TYR A 41 -2.55 -6.08 -27.60
N LEU A 42 -1.91 -6.64 -26.57
CA LEU A 42 -1.61 -8.05 -26.51
C LEU A 42 -2.49 -8.74 -25.46
N ASP A 43 -3.20 -9.80 -25.88
CA ASP A 43 -4.18 -10.54 -25.05
C ASP A 43 -3.70 -11.98 -24.98
N THR A 44 -3.05 -12.37 -23.88
CA THR A 44 -2.42 -13.69 -23.83
C THR A 44 -3.44 -14.82 -23.85
N HIS A 45 -4.63 -14.58 -23.31
CA HIS A 45 -5.69 -15.59 -23.19
C HIS A 45 -6.99 -14.90 -23.57
N ALA A 46 -7.36 -14.97 -24.86
CA ALA A 46 -8.36 -14.07 -25.40
C ALA A 46 -9.79 -14.62 -25.36
N GLY A 47 -9.98 -15.91 -25.14
CA GLY A 47 -11.33 -16.44 -25.08
C GLY A 47 -12.01 -16.40 -26.44
N ALA A 48 -13.35 -16.34 -26.41
CA ALA A 48 -14.11 -16.44 -27.64
C ALA A 48 -14.23 -15.10 -28.36
N GLY A 49 -14.20 -14.00 -27.62
CA GLY A 49 -14.47 -12.72 -28.21
C GLY A 49 -15.73 -12.05 -27.66
N ARG A 50 -16.88 -12.73 -27.74
CA ARG A 50 -18.12 -12.21 -27.18
C ARG A 50 -18.95 -13.38 -26.68
N TYR A 51 -19.96 -13.06 -25.88
CA TYR A 51 -20.69 -14.09 -25.15
C TYR A 51 -22.18 -13.81 -25.22
N GLN A 52 -22.95 -14.84 -25.53
CA GLN A 52 -24.40 -14.73 -25.47
C GLN A 52 -24.85 -14.92 -24.03
N LEU A 53 -25.66 -13.99 -23.52
CA LEU A 53 -26.02 -14.00 -22.11
C LEU A 53 -27.36 -14.69 -21.87
N GLY A 54 -27.54 -15.19 -20.65
CA GLY A 54 -28.80 -15.78 -20.24
C GLY A 54 -29.27 -17.00 -21.00
N ARG A 60 -34.30 -16.22 -15.73
CA ARG A 60 -33.19 -15.29 -15.58
C ARG A 60 -32.05 -15.88 -14.76
N THR A 61 -30.99 -16.34 -15.44
CA THR A 61 -29.78 -16.83 -14.79
C THR A 61 -28.54 -16.40 -15.56
N GLY A 62 -27.39 -16.53 -14.91
CA GLY A 62 -26.13 -16.06 -15.46
C GLY A 62 -25.50 -15.06 -14.51
N LYS A 63 -24.19 -15.15 -14.28
CA LYS A 63 -23.54 -14.24 -13.34
C LYS A 63 -23.68 -12.78 -13.75
N TYR A 64 -24.02 -12.51 -15.02
CA TYR A 64 -24.12 -11.11 -15.45
C TYR A 64 -25.20 -10.35 -14.70
N LEU A 65 -26.20 -11.05 -14.16
CA LEU A 65 -27.25 -10.35 -13.42
C LEU A 65 -26.67 -9.62 -12.21
N GLU A 66 -25.66 -10.19 -11.57
CA GLU A 66 -24.98 -9.55 -10.46
C GLU A 66 -23.75 -8.75 -10.89
N GLY A 67 -23.55 -8.60 -12.18
CA GLY A 67 -22.38 -7.90 -12.68
C GLY A 67 -22.78 -6.75 -13.56
N ILE A 68 -22.55 -6.88 -14.86
CA ILE A 68 -22.76 -5.77 -15.79
C ILE A 68 -24.21 -5.32 -15.83
N ALA A 69 -25.16 -6.21 -15.50
CA ALA A 69 -26.56 -5.81 -15.51
C ALA A 69 -26.85 -4.77 -14.44
N ARG A 70 -26.12 -4.78 -13.33
CA ARG A 70 -26.28 -3.81 -12.26
C ARG A 70 -25.51 -2.52 -12.51
N ILE A 71 -24.85 -2.39 -13.66
CA ILE A 71 -23.98 -1.26 -13.94
C ILE A 71 -24.43 -0.49 -15.17
N TRP A 72 -24.79 -1.20 -16.26
CA TRP A 72 -24.73 -0.63 -17.59
C TRP A 72 -25.88 0.31 -17.90
N GLN A 73 -26.99 0.26 -17.16
CA GLN A 73 -28.06 1.21 -17.37
C GLN A 73 -28.20 2.21 -16.23
N GLN A 74 -27.20 2.32 -15.34
CA GLN A 74 -27.25 3.32 -14.28
C GLN A 74 -27.12 4.72 -14.87
N ASP A 75 -28.00 5.64 -14.46
CA ASP A 75 -27.89 7.00 -14.95
C ASP A 75 -27.08 7.89 -14.03
N ASP A 76 -26.29 7.32 -13.14
CA ASP A 76 -25.28 8.06 -12.39
C ASP A 76 -23.90 7.53 -12.71
N LEU A 77 -23.69 7.12 -13.95
CA LEU A 77 -22.44 6.49 -14.33
C LEU A 77 -21.28 7.45 -14.18
N PRO A 78 -20.25 7.12 -13.40
CA PRO A 78 -19.04 7.94 -13.38
C PRO A 78 -18.44 8.06 -14.78
N ALA A 79 -17.83 9.23 -15.05
CA ALA A 79 -17.33 9.48 -16.39
C ALA A 79 -16.23 8.49 -16.79
N GLU A 80 -15.55 7.87 -15.82
CA GLU A 80 -14.49 6.92 -16.13
C GLU A 80 -15.02 5.63 -16.79
N LEU A 81 -16.29 5.25 -16.56
CA LEU A 81 -16.86 4.04 -17.14
C LEU A 81 -17.50 4.25 -18.51
N GLU A 82 -17.59 5.50 -18.98
CA GLU A 82 -18.34 5.76 -20.20
C GLU A 82 -17.79 4.96 -21.37
N ALA A 83 -16.46 4.93 -21.54
CA ALA A 83 -15.88 4.19 -22.67
C ALA A 83 -16.23 2.71 -22.59
N TYR A 84 -16.08 2.10 -21.42
CA TYR A 84 -16.37 0.69 -21.28
C TYR A 84 -17.85 0.40 -21.52
N ILE A 85 -18.73 1.11 -20.80
CA ILE A 85 -20.17 0.88 -20.95
C ILE A 85 -20.61 1.21 -22.36
N ASN A 86 -19.91 2.13 -23.03
CA ASN A 86 -20.29 2.46 -24.39
C ASN A 86 -20.01 1.31 -25.34
N VAL A 87 -18.98 0.49 -25.06
CA VAL A 87 -18.73 -0.70 -25.87
C VAL A 87 -19.81 -1.76 -25.61
N VAL A 88 -20.20 -1.94 -24.35
CA VAL A 88 -21.28 -2.87 -24.05
C VAL A 88 -22.58 -2.44 -24.74
N LYS A 89 -22.89 -1.15 -24.69
CA LYS A 89 -24.11 -0.68 -25.35
C LYS A 89 -24.06 -0.93 -26.86
N HIS A 90 -22.88 -0.68 -27.47
CA HIS A 90 -22.70 -0.91 -28.92
C HIS A 90 -23.17 -2.30 -29.34
N PHE A 91 -22.93 -3.30 -28.50
CA PHE A 91 -23.30 -4.68 -28.77
C PHE A 91 -24.67 -5.05 -28.20
N ASN A 92 -25.42 -4.10 -27.65
CA ASN A 92 -26.79 -4.33 -27.24
C ASN A 92 -27.62 -3.07 -27.50
N ARG A 93 -27.74 -2.70 -28.77
CA ARG A 93 -28.37 -1.44 -29.16
C ARG A 93 -29.87 -1.39 -28.89
N SER A 94 -30.55 -2.52 -28.76
CA SER A 94 -31.99 -2.40 -28.54
C SER A 94 -32.33 -2.13 -27.08
N GLY A 95 -31.34 -2.16 -26.18
CA GLY A 95 -31.57 -1.88 -24.78
C GLY A 95 -31.76 -3.11 -23.91
N GLN A 96 -31.76 -4.30 -24.49
CA GLN A 96 -31.86 -5.55 -23.75
C GLN A 96 -30.48 -6.17 -23.64
N LEU A 97 -30.07 -6.46 -22.40
CA LEU A 97 -28.74 -6.99 -22.15
C LEU A 97 -28.60 -8.41 -22.70
N ARG A 98 -28.13 -8.53 -23.93
CA ARG A 98 -28.04 -9.84 -24.57
C ARG A 98 -26.62 -10.27 -24.93
N TYR A 99 -25.68 -9.35 -25.08
CA TYR A 99 -24.34 -9.74 -25.48
C TYR A 99 -23.32 -9.06 -24.59
N TYR A 100 -22.32 -9.82 -24.19
CA TYR A 100 -21.21 -9.24 -23.45
C TYR A 100 -19.93 -9.31 -24.29
N PRO A 101 -19.23 -8.20 -24.49
CA PRO A 101 -17.96 -8.24 -25.25
C PRO A 101 -16.80 -8.70 -24.36
N GLY A 102 -16.08 -9.73 -24.80
CA GLY A 102 -14.84 -10.10 -24.16
C GLY A 102 -13.77 -9.05 -24.36
N SER A 103 -12.66 -9.21 -23.66
CA SER A 103 -11.56 -8.25 -23.79
C SER A 103 -11.08 -8.02 -25.22
N PRO A 104 -11.08 -9.00 -26.13
CA PRO A 104 -10.61 -8.69 -27.51
C PRO A 104 -11.52 -7.73 -28.22
N LEU A 105 -12.82 -7.77 -27.92
CA LEU A 105 -13.80 -6.90 -28.57
C LEU A 105 -13.80 -5.51 -27.96
N ILE A 106 -13.61 -5.41 -26.64
CA ILE A 106 -13.40 -4.10 -26.06
C ILE A 106 -12.19 -3.43 -26.70
N ALA A 107 -11.11 -4.20 -26.90
CA ALA A 107 -9.95 -3.65 -27.59
C ALA A 107 -10.28 -3.33 -29.04
N ARG A 108 -11.01 -4.23 -29.71
CA ARG A 108 -11.38 -4.00 -31.09
C ARG A 108 -12.14 -2.70 -31.27
N GLN A 109 -13.09 -2.40 -30.36
CA GLN A 109 -13.87 -1.19 -30.52
C GLN A 109 -13.09 0.06 -30.09
N LEU A 110 -12.26 -0.02 -29.04
CA LEU A 110 -11.60 1.19 -28.55
C LEU A 110 -10.34 1.56 -29.35
N LEU A 111 -9.60 0.60 -29.85
CA LEU A 111 -8.33 0.96 -30.53
C LEU A 111 -8.62 1.72 -31.81
N ARG A 112 -7.62 2.47 -32.27
CA ARG A 112 -7.73 3.29 -33.45
C ARG A 112 -7.25 2.53 -34.68
N GLU A 113 -7.29 3.21 -35.84
CA GLU A 113 -6.84 2.61 -37.09
C GLU A 113 -5.38 2.19 -37.02
N GLN A 114 -4.55 3.01 -36.39
CA GLN A 114 -3.11 2.81 -36.40
C GLN A 114 -2.64 1.74 -35.42
N ASP A 115 -3.43 1.42 -34.39
CA ASP A 115 -2.98 0.49 -33.35
C ASP A 115 -3.15 -0.96 -33.80
N SER A 116 -2.49 -1.88 -33.07
CA SER A 116 -2.47 -3.29 -33.39
C SER A 116 -2.98 -4.13 -32.22
N LEU A 117 -3.55 -5.28 -32.57
CA LEU A 117 -4.05 -6.29 -31.65
C LEU A 117 -3.34 -7.61 -31.91
N GLN A 118 -2.87 -8.28 -30.86
CA GLN A 118 -2.31 -9.62 -30.96
C GLN A 118 -2.99 -10.52 -29.92
N LEU A 119 -3.80 -11.48 -30.39
CA LEU A 119 -4.68 -12.28 -29.52
C LEU A 119 -4.38 -13.77 -29.65
N THR A 120 -4.16 -14.43 -28.52
CA THR A 120 -4.00 -15.88 -28.54
C THR A 120 -5.09 -16.54 -27.72
N GLU A 121 -5.53 -17.69 -28.20
CA GLU A 121 -6.45 -18.56 -27.49
C GLU A 121 -6.12 -19.98 -27.89
N LEU A 122 -5.95 -20.87 -26.90
CA LEU A 122 -5.64 -22.26 -27.19
C LEU A 122 -6.87 -23.15 -27.35
N HIS A 123 -7.97 -22.84 -26.67
CA HIS A 123 -9.10 -23.75 -26.64
C HIS A 123 -9.69 -23.93 -28.03
N PRO A 124 -9.75 -25.15 -28.56
CA PRO A 124 -10.18 -25.34 -29.96
C PRO A 124 -11.63 -24.96 -30.21
N SER A 125 -12.44 -24.82 -29.17
CA SER A 125 -13.80 -24.39 -29.39
C SER A 125 -13.89 -22.88 -29.49
N ASP A 126 -13.02 -22.16 -28.80
CA ASP A 126 -13.08 -20.71 -28.80
C ASP A 126 -12.22 -20.08 -29.90
N TYR A 127 -11.10 -20.68 -30.27
CA TYR A 127 -10.24 -20.08 -31.29
C TYR A 127 -10.96 -19.76 -32.58
N PRO A 128 -11.73 -20.67 -33.19
CA PRO A 128 -12.39 -20.32 -34.46
C PRO A 128 -13.37 -19.17 -34.31
N LEU A 129 -14.08 -19.10 -33.18
CA LEU A 129 -14.91 -17.91 -32.95
C LEU A 129 -14.05 -16.66 -32.86
N LEU A 130 -12.93 -16.75 -32.12
CA LEU A 130 -12.08 -15.58 -31.95
C LEU A 130 -11.50 -15.12 -33.29
N ARG A 131 -11.18 -16.06 -34.17
CA ARG A 131 -10.63 -15.71 -35.48
C ARG A 131 -11.64 -14.96 -36.34
N SER A 132 -12.90 -15.42 -36.38
CA SER A 132 -13.88 -14.75 -37.21
C SER A 132 -14.18 -13.33 -36.73
N GLU A 133 -13.96 -13.03 -35.44
CA GLU A 133 -14.16 -11.68 -34.92
C GLU A 133 -13.18 -10.66 -35.51
N PHE A 134 -12.05 -11.12 -36.04
CA PHE A 134 -11.04 -10.25 -36.63
C PHE A 134 -10.73 -10.62 -38.08
N GLN A 135 -11.59 -11.42 -38.70
CA GLN A 135 -11.33 -11.87 -40.06
C GLN A 135 -11.12 -10.71 -41.03
N LYS A 136 -11.77 -9.58 -40.81
CA LYS A 136 -11.67 -8.43 -41.71
C LYS A 136 -10.84 -7.29 -41.13
N ASP A 137 -10.17 -7.52 -40.01
CA ASP A 137 -9.46 -6.47 -39.27
C ASP A 137 -7.97 -6.62 -39.59
N SER A 138 -7.47 -5.71 -40.43
CA SER A 138 -6.05 -5.75 -40.78
C SER A 138 -5.14 -5.33 -39.63
N ARG A 139 -5.70 -4.76 -38.55
CA ARG A 139 -4.88 -4.42 -37.41
C ARG A 139 -4.58 -5.61 -36.51
N ALA A 140 -5.37 -6.67 -36.62
CA ALA A 140 -5.36 -7.72 -35.61
C ALA A 140 -4.78 -9.01 -36.18
N ARG A 141 -4.11 -9.75 -35.30
CA ARG A 141 -3.67 -11.11 -35.56
C ARG A 141 -4.17 -12.00 -34.43
N VAL A 142 -4.64 -13.19 -34.80
CA VAL A 142 -5.17 -14.16 -33.86
C VAL A 142 -4.40 -15.46 -34.03
N GLU A 143 -3.85 -15.98 -32.93
CA GLU A 143 -3.01 -17.17 -32.96
C GLU A 143 -3.51 -18.21 -31.97
N LYS A 144 -3.53 -19.47 -32.42
CA LYS A 144 -3.79 -20.60 -31.53
C LYS A 144 -2.47 -21.00 -30.90
N ALA A 145 -2.11 -20.28 -29.84
CA ALA A 145 -0.84 -20.45 -29.17
C ALA A 145 -1.03 -20.28 -27.67
N ASP A 146 -0.08 -20.84 -26.92
CA ASP A 146 0.01 -20.61 -25.48
C ASP A 146 0.26 -19.14 -25.21
N GLY A 147 -0.55 -18.55 -24.33
CA GLY A 147 -0.44 -17.12 -24.09
C GLY A 147 0.84 -16.71 -23.39
N PHE A 148 1.29 -17.50 -22.42
CA PHE A 148 2.46 -17.12 -21.64
C PHE A 148 3.72 -17.03 -22.50
N GLN A 149 3.80 -17.87 -23.54
CA GLN A 149 4.91 -17.85 -24.48
C GLN A 149 4.94 -16.57 -25.29
N GLN A 150 3.80 -15.90 -25.44
CA GLN A 150 3.75 -14.66 -26.20
C GLN A 150 4.51 -13.52 -25.51
N LEU A 151 4.65 -13.57 -24.18
CA LEU A 151 5.38 -12.53 -23.47
C LEU A 151 6.86 -12.54 -23.83
N LYS A 152 7.37 -13.66 -24.34
CA LYS A 152 8.72 -13.73 -24.90
C LYS A 152 8.73 -13.43 -26.39
N ALA A 153 7.76 -13.97 -27.13
CA ALA A 153 7.86 -13.98 -28.58
C ALA A 153 7.36 -12.69 -29.21
N LYS A 154 6.50 -11.95 -28.52
CA LYS A 154 5.84 -10.79 -29.13
C LYS A 154 6.28 -9.47 -28.53
N LEU A 155 7.26 -9.47 -27.63
CA LEU A 155 7.66 -8.24 -26.98
C LEU A 155 9.16 -8.00 -27.21
N PRO A 156 9.58 -6.76 -27.45
CA PRO A 156 8.76 -5.54 -27.53
C PRO A 156 7.96 -5.42 -28.82
N PRO A 157 6.83 -4.74 -28.79
CA PRO A 157 6.11 -4.45 -30.03
C PRO A 157 6.91 -3.50 -30.90
N VAL A 158 6.73 -3.64 -32.22
CA VAL A 158 7.45 -2.78 -33.14
C VAL A 158 7.12 -1.33 -32.87
N SER A 159 5.91 -1.06 -32.35
CA SER A 159 5.52 0.31 -32.04
C SER A 159 6.18 0.84 -30.78
N ARG A 160 6.76 -0.05 -29.97
CA ARG A 160 7.32 0.25 -28.65
C ARG A 160 6.30 0.89 -27.70
N ARG A 161 4.99 0.73 -27.94
CA ARG A 161 3.95 1.07 -26.96
C ARG A 161 3.00 -0.10 -26.81
N GLY A 162 2.39 -0.24 -25.63
CA GLY A 162 1.48 -1.35 -25.46
C GLY A 162 0.76 -1.56 -24.13
N LEU A 163 -0.40 -2.18 -24.22
CA LEU A 163 -1.06 -2.82 -23.08
C LEU A 163 -1.02 -4.32 -23.31
N ILE A 164 -0.52 -5.06 -22.33
CA ILE A 164 -0.51 -6.51 -22.35
C ILE A 164 -1.45 -6.98 -21.23
N LEU A 165 -2.53 -7.67 -21.60
CA LEU A 165 -3.44 -8.27 -20.63
C LEU A 165 -3.12 -9.74 -20.47
N ILE A 166 -2.84 -10.14 -19.24
CA ILE A 166 -2.51 -11.51 -18.90
C ILE A 166 -3.68 -12.02 -18.07
N ASP A 167 -4.48 -12.91 -18.64
CA ASP A 167 -5.80 -13.25 -18.09
C ASP A 167 -6.06 -14.75 -18.19
N PRO A 168 -5.25 -15.57 -17.53
CA PRO A 168 -5.37 -17.00 -17.67
C PRO A 168 -6.60 -17.51 -16.93
N PRO A 169 -6.95 -18.78 -17.11
CA PRO A 169 -8.14 -19.32 -16.43
C PRO A 169 -7.95 -19.59 -14.95
N TYR A 170 -6.70 -19.78 -14.50
CA TYR A 170 -6.39 -20.22 -13.14
C TYR A 170 -7.10 -21.53 -12.79
N GLU A 171 -7.36 -22.36 -13.79
CA GLU A 171 -7.83 -23.72 -13.53
C GLU A 171 -6.69 -24.59 -13.00
N MET A 172 -5.51 -24.45 -13.58
CA MET A 172 -4.31 -25.10 -13.06
C MET A 172 -3.59 -24.14 -12.13
N LYS A 173 -3.35 -24.58 -10.89
CA LYS A 173 -2.70 -23.75 -9.89
C LYS A 173 -1.33 -23.25 -10.33
N THR A 174 -0.69 -23.91 -11.32
CA THR A 174 0.56 -23.37 -11.84
C THR A 174 0.35 -22.01 -12.50
N ASP A 175 -0.90 -21.67 -12.87
CA ASP A 175 -1.17 -20.34 -13.43
C ASP A 175 -0.66 -19.24 -12.51
N TYR A 176 -0.70 -19.46 -11.20
CA TYR A 176 -0.28 -18.43 -10.28
C TYR A 176 1.23 -18.18 -10.33
N GLN A 177 2.02 -19.17 -10.74
CA GLN A 177 3.45 -18.92 -10.92
C GLN A 177 3.78 -18.47 -12.34
N ALA A 178 3.11 -19.04 -13.33
CA ALA A 178 3.37 -18.70 -14.73
C ALA A 178 3.14 -17.21 -15.00
N VAL A 179 2.08 -16.63 -14.41
CA VAL A 179 1.78 -15.23 -14.63
C VAL A 179 2.97 -14.37 -14.23
N VAL A 180 3.61 -14.72 -13.11
CA VAL A 180 4.69 -13.90 -12.55
C VAL A 180 5.96 -14.06 -13.38
N SER A 181 6.35 -15.30 -13.68
CA SER A 181 7.53 -15.49 -14.52
C SER A 181 7.30 -14.93 -15.91
N GLY A 182 6.08 -15.07 -16.44
CA GLY A 182 5.78 -14.48 -17.73
C GLY A 182 5.86 -12.97 -17.70
N ILE A 183 5.32 -12.36 -16.64
CA ILE A 183 5.44 -10.92 -16.46
C ILE A 183 6.90 -10.49 -16.45
N ALA A 184 7.75 -11.21 -15.69
CA ALA A 184 9.16 -10.85 -15.65
C ALA A 184 9.84 -11.05 -17.01
N GLU A 185 9.44 -12.07 -17.76
CA GLU A 185 10.00 -12.30 -19.09
C GLU A 185 9.68 -11.15 -20.03
N GLY A 186 8.41 -10.76 -20.09
CA GLY A 186 8.01 -9.70 -21.00
C GLY A 186 8.57 -8.36 -20.56
N TYR A 187 8.61 -8.14 -19.23
CA TYR A 187 9.08 -6.86 -18.71
C TYR A 187 10.53 -6.60 -19.08
N LYS A 188 11.40 -7.61 -18.99
CA LYS A 188 12.80 -7.39 -19.35
C LYS A 188 12.93 -6.92 -20.79
N ARG A 189 11.99 -7.35 -21.65
CA ARG A 189 12.03 -7.06 -23.08
C ARG A 189 11.28 -5.79 -23.43
N PHE A 190 10.36 -5.35 -22.57
CA PHE A 190 9.54 -4.19 -22.91
C PHE A 190 9.20 -3.56 -21.57
N ALA A 191 10.12 -2.74 -21.08
CA ALA A 191 10.09 -2.32 -19.69
C ALA A 191 9.27 -1.06 -19.45
N THR A 192 8.77 -0.43 -20.52
CA THR A 192 7.85 0.69 -20.43
C THR A 192 6.43 0.32 -20.85
N GLY A 193 6.16 -0.97 -21.09
CA GLY A 193 4.80 -1.38 -21.40
C GLY A 193 3.92 -1.41 -20.15
N THR A 194 2.62 -1.38 -20.37
CA THR A 194 1.65 -1.51 -19.28
C THR A 194 1.17 -2.95 -19.30
N TYR A 195 1.41 -3.66 -18.20
CA TYR A 195 1.00 -5.04 -18.04
C TYR A 195 -0.18 -5.06 -17.08
N ALA A 196 -1.29 -5.67 -17.51
CA ALA A 196 -2.45 -5.83 -16.63
C ALA A 196 -2.65 -7.32 -16.40
N LEU A 197 -2.60 -7.72 -15.13
CA LEU A 197 -2.81 -9.10 -14.71
C LEU A 197 -4.14 -9.21 -13.96
N TRP A 198 -5.04 -10.02 -14.49
CA TRP A 198 -6.27 -10.34 -13.77
C TRP A 198 -6.02 -11.57 -12.90
N TYR A 199 -6.54 -11.53 -11.67
CA TYR A 199 -6.43 -12.67 -10.76
C TYR A 199 -7.74 -12.82 -9.98
N PRO A 200 -8.10 -14.04 -9.64
CA PRO A 200 -9.27 -14.26 -8.75
C PRO A 200 -8.89 -14.54 -7.31
N VAL A 201 -9.76 -14.26 -6.34
CA VAL A 201 -9.48 -14.67 -4.96
C VAL A 201 -10.38 -15.84 -4.65
N VAL A 202 -9.81 -17.04 -4.63
CA VAL A 202 -10.54 -18.21 -4.17
C VAL A 202 -10.04 -18.54 -2.77
N LEU A 203 -8.77 -18.86 -2.66
CA LEU A 203 -8.09 -18.97 -1.37
C LEU A 203 -7.08 -17.85 -1.25
N ARG A 204 -7.27 -16.98 -0.26
CA ARG A 204 -6.41 -15.81 -0.07
C ARG A 204 -4.93 -16.18 0.01
N GLN A 205 -4.61 -17.36 0.57
CA GLN A 205 -3.23 -17.82 0.62
C GLN A 205 -2.61 -17.92 -0.77
N GLN A 206 -3.41 -18.27 -1.78
CA GLN A 206 -2.91 -18.33 -3.16
C GLN A 206 -2.41 -16.97 -3.62
N ILE A 207 -3.13 -15.90 -3.23
CA ILE A 207 -2.85 -14.56 -3.73
C ILE A 207 -1.67 -13.94 -3.00
N LYS A 208 -1.60 -14.14 -1.68
CA LYS A 208 -0.43 -13.72 -0.93
C LYS A 208 0.85 -14.33 -1.50
N ARG A 209 0.81 -15.59 -1.89
CA ARG A 209 2.00 -16.22 -2.46
C ARG A 209 2.35 -15.60 -3.81
N MET A 210 1.35 -15.43 -4.67
CA MET A 210 1.60 -14.83 -5.98
C MET A 210 2.13 -13.40 -5.85
N ILE A 211 1.58 -12.63 -4.92
CA ILE A 211 2.05 -11.26 -4.76
C ILE A 211 3.46 -11.25 -4.21
N HIS A 212 3.75 -12.14 -3.27
CA HIS A 212 5.11 -12.25 -2.74
C HIS A 212 6.11 -12.61 -3.85
N ASP A 213 5.72 -13.50 -4.76
CA ASP A 213 6.59 -13.81 -5.90
C ASP A 213 6.80 -12.59 -6.79
N LEU A 214 5.77 -11.75 -6.92
CA LEU A 214 5.89 -10.54 -7.74
C LEU A 214 6.88 -9.54 -7.11
N GLU A 215 6.76 -9.30 -5.80
CA GLU A 215 7.78 -8.51 -5.11
C GLU A 215 9.17 -9.11 -5.31
N ALA A 216 9.29 -10.42 -5.29
CA ALA A 216 10.59 -11.07 -5.42
C ALA A 216 11.27 -10.73 -6.74
N THR A 217 10.51 -10.41 -7.80
CA THR A 217 11.14 -9.99 -9.05
C THR A 217 11.81 -8.63 -8.92
N GLY A 218 11.46 -7.85 -7.91
CA GLY A 218 11.99 -6.52 -7.79
C GLY A 218 11.37 -5.50 -8.71
N ILE A 219 10.48 -5.91 -9.61
CA ILE A 219 9.92 -4.95 -10.57
C ILE A 219 9.18 -3.86 -9.80
N ARG A 220 9.27 -2.65 -10.33
CA ARG A 220 8.73 -1.45 -9.73
C ARG A 220 7.43 -1.03 -10.41
N LYS A 221 6.69 -0.17 -9.71
CA LYS A 221 5.48 0.47 -10.22
C LYS A 221 4.37 -0.56 -10.46
N ILE A 222 4.03 -1.30 -9.41
CA ILE A 222 3.01 -2.33 -9.47
C ILE A 222 1.83 -1.88 -8.62
N LEU A 223 0.69 -1.62 -9.26
CA LEU A 223 -0.52 -1.16 -8.59
C LEU A 223 -1.54 -2.29 -8.51
N GLN A 224 -2.28 -2.36 -7.40
CA GLN A 224 -3.24 -3.43 -7.17
C GLN A 224 -4.64 -2.85 -6.99
N ILE A 225 -5.56 -3.31 -7.82
CA ILE A 225 -6.97 -2.91 -7.78
C ILE A 225 -7.75 -4.17 -7.47
N GLU A 226 -8.49 -4.18 -6.36
CA GLU A 226 -9.18 -5.40 -5.98
C GLU A 226 -10.59 -5.09 -5.50
N LEU A 227 -11.57 -5.80 -6.07
CA LEU A 227 -12.97 -5.65 -5.69
C LEU A 227 -13.44 -6.98 -5.13
N ALA A 228 -13.93 -6.98 -3.90
CA ALA A 228 -14.43 -8.19 -3.23
C ALA A 228 -15.91 -8.07 -2.95
N VAL A 229 -16.69 -9.07 -3.33
CA VAL A 229 -18.13 -9.07 -3.13
C VAL A 229 -18.53 -9.80 -1.86
N LEU A 230 -17.60 -10.52 -1.25
CA LEU A 230 -17.77 -11.19 0.03
C LEU A 230 -16.40 -11.21 0.69
N PRO A 231 -16.34 -11.40 2.01
CA PRO A 231 -15.04 -11.54 2.66
C PRO A 231 -14.34 -12.81 2.21
N ASP A 232 -13.02 -12.84 2.42
CA ASP A 232 -12.27 -14.04 2.11
C ASP A 232 -12.91 -15.26 2.77
N SER A 233 -12.93 -16.37 2.06
CA SER A 233 -13.54 -17.59 2.58
C SER A 233 -12.67 -18.77 2.21
N ASP A 234 -12.87 -19.89 2.92
CA ASP A 234 -12.25 -21.16 2.55
C ASP A 234 -13.18 -22.06 1.76
N ARG A 235 -14.44 -21.65 1.57
CA ARG A 235 -15.47 -22.60 1.16
C ARG A 235 -16.36 -22.11 0.03
N ARG A 236 -16.17 -20.88 -0.45
CA ARG A 236 -17.16 -20.24 -1.30
C ARG A 236 -16.63 -19.87 -2.68
N GLY A 237 -15.55 -20.49 -3.14
CA GLY A 237 -15.09 -20.19 -4.47
C GLY A 237 -14.52 -18.78 -4.58
N MET A 238 -14.68 -18.18 -5.76
CA MET A 238 -14.18 -16.83 -6.00
C MET A 238 -15.07 -15.83 -5.26
N THR A 239 -14.49 -15.17 -4.25
CA THR A 239 -15.17 -14.12 -3.49
C THR A 239 -14.69 -12.73 -3.87
N ALA A 240 -13.67 -12.65 -4.73
CA ALA A 240 -13.06 -11.40 -5.14
C ALA A 240 -12.22 -11.66 -6.39
N SER A 241 -11.93 -10.60 -7.13
CA SER A 241 -10.97 -10.65 -8.22
C SER A 241 -10.21 -9.34 -8.20
N GLY A 242 -9.07 -9.31 -8.91
CA GLY A 242 -8.33 -8.08 -8.98
C GLY A 242 -7.60 -7.89 -10.30
N MET A 243 -7.02 -6.70 -10.42
CA MET A 243 -6.12 -6.31 -11.50
C MET A 243 -4.83 -5.78 -10.89
N ILE A 244 -3.71 -6.31 -11.35
CA ILE A 244 -2.37 -5.87 -10.99
C ILE A 244 -1.74 -5.22 -12.22
N VAL A 245 -1.34 -3.96 -12.10
CA VAL A 245 -0.95 -3.18 -13.27
C VAL A 245 0.49 -2.71 -13.10
N ILE A 246 1.36 -3.17 -13.98
CA ILE A 246 2.74 -2.69 -14.01
C ILE A 246 2.82 -1.55 -14.99
N ASN A 247 3.41 -0.43 -14.55
CA ASN A 247 3.45 0.83 -15.29
C ASN A 247 2.04 1.31 -15.60
N PRO A 248 1.18 1.50 -14.60
CA PRO A 248 -0.13 2.10 -14.88
C PRO A 248 0.03 3.50 -15.44
N PRO A 249 -0.83 3.90 -16.38
CA PRO A 249 -0.87 5.31 -16.76
C PRO A 249 -1.02 6.17 -15.51
N TRP A 250 -0.54 7.41 -15.58
CA TRP A 250 -0.46 8.20 -14.36
C TRP A 250 -1.84 8.51 -13.77
N LYS A 251 -2.87 8.60 -14.63
CA LYS A 251 -4.23 8.88 -14.13
C LYS A 251 -4.91 7.67 -13.50
N LEU A 252 -4.37 6.46 -13.69
CA LEU A 252 -5.16 5.26 -13.39
C LEU A 252 -5.55 5.21 -11.92
N GLU A 253 -4.59 5.50 -11.04
CA GLU A 253 -4.85 5.32 -9.60
C GLU A 253 -5.95 6.26 -9.14
N GLN A 254 -5.93 7.51 -9.58
CA GLN A 254 -6.98 8.45 -9.19
C GLN A 254 -8.31 8.07 -9.84
N GLN A 255 -8.28 7.61 -11.08
CA GLN A 255 -9.50 7.11 -11.73
C GLN A 255 -10.12 5.98 -10.92
N MET A 256 -9.31 5.01 -10.49
CA MET A 256 -9.83 3.88 -9.74
C MET A 256 -10.34 4.31 -8.36
N ASN A 257 -9.66 5.26 -7.71
CA ASN A 257 -10.18 5.81 -6.47
C ASN A 257 -11.55 6.45 -6.68
N ASN A 258 -11.82 6.96 -7.87
CA ASN A 258 -13.10 7.60 -8.19
C ASN A 258 -14.22 6.59 -8.43
N VAL A 259 -13.95 5.51 -9.17
CA VAL A 259 -15.01 4.60 -9.60
C VAL A 259 -15.14 3.38 -8.70
N LEU A 260 -14.08 2.97 -8.02
CA LEU A 260 -14.12 1.73 -7.25
C LEU A 260 -15.23 1.71 -6.20
N PRO A 261 -15.40 2.73 -5.33
CA PRO A 261 -16.52 2.65 -4.38
C PRO A 261 -17.86 2.61 -5.09
N TRP A 262 -17.99 3.34 -6.21
CA TRP A 262 -19.22 3.28 -7.00
C TRP A 262 -19.47 1.85 -7.48
N LEU A 263 -18.49 1.25 -8.14
CA LEU A 263 -18.66 -0.13 -8.57
C LEU A 263 -19.07 -1.02 -7.41
N HIS A 264 -18.39 -0.90 -6.27
CA HIS A 264 -18.72 -1.77 -5.14
C HIS A 264 -20.13 -1.50 -4.66
N SER A 265 -20.51 -0.22 -4.59
CA SER A 265 -21.87 0.15 -4.18
C SER A 265 -22.92 -0.54 -5.04
N LYS A 266 -22.76 -0.44 -6.37
CA LYS A 266 -23.78 -0.98 -7.26
C LYS A 266 -23.69 -2.50 -7.37
N LEU A 267 -22.49 -3.07 -7.27
CA LEU A 267 -22.37 -4.50 -7.43
C LEU A 267 -22.74 -5.26 -6.16
N VAL A 268 -22.58 -4.63 -5.00
CA VAL A 268 -22.76 -5.30 -3.71
C VAL A 268 -23.55 -4.34 -2.82
N PRO A 269 -24.88 -4.27 -2.98
CA PRO A 269 -25.69 -3.43 -2.08
C PRO A 269 -25.51 -3.75 -0.61
N ALA A 270 -25.38 -5.03 -0.25
CA ALA A 270 -25.28 -5.41 1.16
C ALA A 270 -23.99 -4.91 1.81
N GLY A 271 -23.01 -4.46 1.03
CA GLY A 271 -21.81 -3.91 1.62
C GLY A 271 -20.80 -4.93 2.10
N THR A 272 -20.92 -6.19 1.68
CA THR A 272 -19.92 -7.19 2.01
C THR A 272 -18.64 -6.97 1.18
N GLY A 273 -17.55 -7.55 1.64
CA GLY A 273 -16.30 -7.42 0.92
C GLY A 273 -15.69 -6.04 1.07
N HIS A 274 -15.12 -5.53 -0.02
CA HIS A 274 -14.27 -4.35 0.04
C HIS A 274 -13.86 -3.99 -1.38
N ALA A 275 -13.24 -2.83 -1.52
CA ALA A 275 -12.72 -2.36 -2.80
C ALA A 275 -11.57 -1.41 -2.53
N THR A 276 -10.37 -1.75 -3.04
CA THR A 276 -9.14 -1.08 -2.63
C THR A 276 -8.22 -0.82 -3.81
N VAL A 277 -7.52 0.30 -3.76
CA VAL A 277 -6.41 0.62 -4.66
C VAL A 277 -5.19 0.84 -3.79
N SER A 278 -4.10 0.16 -4.11
CA SER A 278 -2.90 0.23 -3.27
C SER A 278 -1.69 -0.12 -4.14
N TRP A 279 -0.51 0.26 -3.66
CA TRP A 279 0.72 -0.10 -4.34
C TRP A 279 1.25 -1.40 -3.74
N ILE A 280 1.39 -2.43 -4.56
CA ILE A 280 2.27 -3.54 -4.18
C ILE A 280 3.72 -3.06 -4.15
N VAL A 281 4.17 -2.39 -5.20
CA VAL A 281 5.52 -1.84 -5.31
C VAL A 281 5.44 -0.47 -5.99
N PRO A 282 5.73 0.63 -5.30
CA PRO A 282 5.64 1.94 -5.94
C PRO A 282 6.75 2.17 -6.96
N GLU A 283 6.78 3.34 -7.58
CA GLU A 283 7.90 3.74 -8.43
C GLU A 283 9.24 3.62 -7.69
N SER B 6 6.52 -12.25 33.32
CA SER B 6 6.51 -10.94 33.98
C SER B 6 7.14 -9.84 33.11
N TYR B 7 7.08 -8.60 33.60
CA TYR B 7 7.46 -7.42 32.83
C TYR B 7 8.96 -7.37 32.58
N ARG B 8 9.35 -6.72 31.48
CA ARG B 8 10.74 -6.65 31.06
C ARG B 8 11.53 -5.57 31.80
N HIS B 9 12.70 -5.94 32.32
CA HIS B 9 13.64 -4.96 32.86
C HIS B 9 14.64 -4.56 31.78
N SER B 10 15.05 -3.29 31.82
CA SER B 10 16.09 -2.76 30.92
C SER B 10 16.99 -1.82 31.72
N PHE B 11 18.31 -1.95 31.55
CA PHE B 11 19.20 -1.02 32.24
C PHE B 11 19.16 0.37 31.63
N HIS B 12 18.79 0.49 30.34
CA HIS B 12 18.79 1.79 29.69
C HIS B 12 17.41 2.41 29.53
N ALA B 13 16.34 1.74 29.96
CA ALA B 13 15.02 2.32 29.86
C ALA B 13 14.93 3.62 30.65
N GLY B 14 14.31 4.62 30.04
CA GLY B 14 14.18 5.90 30.70
C GLY B 14 15.44 6.72 30.64
N ASN B 15 16.37 6.39 29.74
CA ASN B 15 17.61 7.13 29.65
C ASN B 15 17.34 8.45 28.94
N HIS B 16 18.40 9.22 28.66
CA HIS B 16 18.21 10.49 27.99
C HIS B 16 17.64 10.31 26.59
N ALA B 17 18.00 9.23 25.90
CA ALA B 17 17.46 8.99 24.56
C ALA B 17 15.96 8.71 24.62
N ASP B 18 15.53 7.90 25.58
CA ASP B 18 14.09 7.70 25.72
C ASP B 18 13.38 9.01 26.04
N VAL B 19 13.97 9.85 26.88
CA VAL B 19 13.33 11.12 27.22
C VAL B 19 13.15 11.96 25.98
N LEU B 20 14.23 12.19 25.22
CA LEU B 20 14.06 12.92 23.96
C LEU B 20 13.01 12.24 23.09
N LYS B 21 13.19 10.94 22.84
CA LYS B 21 12.34 10.22 21.90
C LYS B 21 10.86 10.30 22.28
N HIS B 22 10.54 9.98 23.53
CA HIS B 22 9.14 9.98 23.92
C HIS B 22 8.59 11.39 24.12
N THR B 23 9.45 12.39 24.37
CA THR B 23 8.99 13.77 24.32
C THR B 23 8.47 14.12 22.94
N VAL B 24 9.27 13.84 21.90
CA VAL B 24 8.85 14.15 20.54
C VAL B 24 7.57 13.40 20.19
N GLN B 25 7.51 12.10 20.51
CA GLN B 25 6.32 11.31 20.17
C GLN B 25 5.06 11.90 20.80
N SER B 26 5.13 12.27 22.08
CA SER B 26 3.94 12.82 22.74
C SER B 26 3.49 14.13 22.10
N LEU B 27 4.45 14.99 21.74
CA LEU B 27 4.13 16.27 21.13
C LEU B 27 3.46 16.08 19.77
N ILE B 28 4.03 15.20 18.94
CA ILE B 28 3.38 14.84 17.68
C ILE B 28 1.97 14.28 17.92
N ILE B 29 1.83 13.38 18.90
CA ILE B 29 0.53 12.76 19.15
C ILE B 29 -0.51 13.80 19.62
N GLU B 30 -0.09 14.73 20.49
CA GLU B 30 -1.02 15.77 20.93
C GLU B 30 -1.39 16.71 19.78
N SER B 31 -0.48 16.93 18.81
CA SER B 31 -0.84 17.75 17.67
C SER B 31 -1.84 17.05 16.77
N LEU B 32 -1.63 15.75 16.52
CA LEU B 32 -2.58 14.97 15.74
C LEU B 32 -3.98 15.02 16.34
N LYS B 33 -4.09 14.93 17.67
CA LYS B 33 -5.37 14.92 18.37
C LYS B 33 -6.12 16.25 18.26
N GLU B 34 -5.50 17.27 17.67
CA GLU B 34 -6.19 18.54 17.51
C GLU B 34 -7.32 18.44 16.51
N LYS B 35 -7.24 17.50 15.56
CA LYS B 35 -8.31 17.24 14.62
C LYS B 35 -9.09 16.00 15.05
N ASP B 36 -10.40 16.04 14.85
CA ASP B 36 -11.26 14.97 15.34
C ASP B 36 -11.08 13.68 14.57
N LYS B 37 -10.65 13.77 13.32
CA LYS B 37 -10.50 12.58 12.51
C LYS B 37 -9.60 11.58 13.22
N PRO B 38 -9.94 10.28 13.16
CA PRO B 38 -9.03 9.27 13.69
C PRO B 38 -7.66 9.35 13.02
N PHE B 39 -6.66 8.81 13.69
CA PHE B 39 -5.35 8.61 13.05
C PHE B 39 -4.77 7.30 13.56
N LEU B 40 -3.75 6.81 12.86
CA LEU B 40 -3.08 5.56 13.18
C LEU B 40 -1.72 5.83 13.80
N TYR B 41 -1.45 5.21 14.93
CA TYR B 41 -0.10 5.20 15.48
C TYR B 41 0.56 3.89 15.07
N LEU B 42 1.65 3.97 14.30
CA LEU B 42 2.35 2.79 13.80
C LEU B 42 3.74 2.75 14.38
N ASP B 43 4.04 1.70 15.15
CA ASP B 43 5.30 1.53 15.86
C ASP B 43 6.04 0.36 15.23
N THR B 44 7.04 0.65 14.40
CA THR B 44 7.69 -0.42 13.64
C THR B 44 8.51 -1.34 14.54
N HIS B 45 9.01 -0.83 15.66
CA HIS B 45 9.86 -1.63 16.55
C HIS B 45 9.42 -1.32 17.98
N ALA B 46 8.34 -1.99 18.40
CA ALA B 46 7.59 -1.54 19.56
C ALA B 46 8.19 -2.00 20.89
N GLY B 47 9.09 -2.98 20.88
CA GLY B 47 9.66 -3.42 22.14
C GLY B 47 8.60 -4.07 23.03
N ALA B 48 8.93 -4.14 24.32
CA ALA B 48 8.09 -4.89 25.26
C ALA B 48 6.84 -4.12 25.70
N GLY B 49 6.88 -2.79 25.74
CA GLY B 49 5.73 -2.01 26.18
C GLY B 49 5.98 -1.17 27.41
N ARG B 50 6.51 -1.78 28.47
CA ARG B 50 6.91 -1.08 29.67
C ARG B 50 8.20 -1.72 30.17
N TYR B 51 8.84 -1.05 31.13
CA TYR B 51 10.12 -1.52 31.65
C TYR B 51 10.21 -1.30 33.15
N GLN B 52 10.68 -2.34 33.86
CA GLN B 52 11.02 -2.23 35.27
C GLN B 52 12.36 -1.55 35.41
N LEU B 53 12.44 -0.56 36.29
CA LEU B 53 13.68 0.17 36.47
C LEU B 53 14.53 -0.38 37.61
N GLY B 54 13.94 -1.15 38.50
CA GLY B 54 14.71 -1.70 39.60
C GLY B 54 15.45 -2.99 39.25
N SER B 55 16.53 -3.24 39.98
CA SER B 55 17.29 -4.47 39.84
C SER B 55 17.97 -4.84 41.16
N THR B 61 23.25 3.34 38.91
CA THR B 61 23.03 1.94 38.60
C THR B 61 22.35 1.75 37.24
N GLY B 62 21.17 2.33 37.08
CA GLY B 62 20.39 2.26 35.84
C GLY B 62 20.26 3.64 35.21
N LYS B 63 20.32 3.66 33.87
CA LYS B 63 20.32 4.93 33.13
C LYS B 63 19.13 5.82 33.48
N TYR B 64 18.05 5.26 34.02
CA TYR B 64 16.89 6.08 34.33
C TYR B 64 17.22 7.13 35.38
N LEU B 65 18.20 6.84 36.24
CA LEU B 65 18.59 7.79 37.28
C LEU B 65 19.13 9.08 36.68
N GLU B 66 19.74 9.01 35.51
CA GLU B 66 20.29 10.17 34.86
C GLU B 66 19.38 10.67 33.74
N GLY B 67 18.20 10.07 33.60
CA GLY B 67 17.25 10.44 32.58
C GLY B 67 15.92 10.89 33.15
N ILE B 68 14.91 10.03 33.01
CA ILE B 68 13.56 10.38 33.46
C ILE B 68 13.57 10.87 34.91
N ALA B 69 14.44 10.31 35.74
CA ALA B 69 14.51 10.67 37.16
C ALA B 69 14.85 12.13 37.38
N ARG B 70 15.65 12.71 36.49
CA ARG B 70 16.14 14.07 36.66
C ARG B 70 15.14 15.13 36.26
N ILE B 71 14.03 14.75 35.64
CA ILE B 71 13.07 15.75 35.18
C ILE B 71 11.66 15.54 35.70
N TRP B 72 11.28 14.34 36.13
CA TRP B 72 9.84 14.07 36.22
C TRP B 72 9.17 14.65 37.46
N GLN B 73 9.90 15.04 38.49
CA GLN B 73 9.25 15.68 39.64
C GLN B 73 9.69 17.13 39.83
N GLN B 74 10.17 17.78 38.77
CA GLN B 74 10.67 19.14 38.86
C GLN B 74 9.53 20.15 38.89
N ASP B 75 9.73 21.22 39.68
CA ASP B 75 8.68 22.20 39.93
C ASP B 75 8.44 23.10 38.73
N ASP B 76 9.46 23.31 37.90
CA ASP B 76 9.36 24.14 36.70
C ASP B 76 9.25 23.31 35.44
N LEU B 77 8.48 22.22 35.47
CA LEU B 77 8.28 21.34 34.32
C LEU B 77 7.71 22.14 33.15
N PRO B 78 8.42 22.23 32.03
CA PRO B 78 7.86 22.91 30.86
C PRO B 78 6.52 22.31 30.48
N ALA B 79 5.59 23.17 30.08
CA ALA B 79 4.27 22.68 29.70
C ALA B 79 4.39 21.68 28.55
N GLU B 80 5.47 21.78 27.76
CA GLU B 80 5.67 20.90 26.62
C GLU B 80 5.79 19.45 27.04
N LEU B 81 6.21 19.20 28.28
CA LEU B 81 6.46 17.85 28.74
C LEU B 81 5.31 17.29 29.57
N GLU B 82 4.24 18.07 29.77
CA GLU B 82 3.18 17.67 30.69
C GLU B 82 2.51 16.37 30.23
N ALA B 83 2.10 16.29 28.96
CA ALA B 83 1.40 15.09 28.51
C ALA B 83 2.29 13.86 28.59
N TYR B 84 3.59 14.03 28.28
CA TYR B 84 4.56 12.94 28.44
C TYR B 84 4.71 12.53 29.89
N ILE B 85 4.96 13.51 30.77
CA ILE B 85 5.16 13.23 32.19
C ILE B 85 3.89 12.69 32.83
N ASN B 86 2.71 13.08 32.33
CA ASN B 86 1.48 12.53 32.89
C ASN B 86 1.39 11.04 32.67
N VAL B 87 1.96 10.55 31.58
CA VAL B 87 1.90 9.13 31.29
C VAL B 87 2.84 8.36 32.23
N VAL B 88 4.03 8.91 32.47
CA VAL B 88 4.97 8.28 33.39
C VAL B 88 4.32 8.15 34.76
N LYS B 89 3.69 9.24 35.21
CA LYS B 89 3.01 9.24 36.51
C LYS B 89 1.85 8.26 36.52
N HIS B 90 1.22 8.01 35.37
CA HIS B 90 0.09 7.10 35.36
C HIS B 90 0.51 5.70 35.79
N PHE B 91 1.73 5.29 35.47
CA PHE B 91 2.23 3.97 35.85
C PHE B 91 3.07 4.00 37.12
N ASN B 92 3.16 5.14 37.79
CA ASN B 92 3.89 5.28 39.04
C ASN B 92 3.12 6.23 39.97
N ARG B 93 1.80 6.03 40.05
CA ARG B 93 0.96 6.99 40.77
C ARG B 93 1.37 7.16 42.24
N SER B 94 2.18 6.24 42.78
CA SER B 94 2.67 6.32 44.14
C SER B 94 3.68 7.43 44.35
N GLY B 95 4.19 8.04 43.27
CA GLY B 95 5.27 8.98 43.37
C GLY B 95 6.66 8.37 43.37
N GLN B 96 6.77 7.05 43.45
CA GLN B 96 8.04 6.35 43.38
C GLN B 96 8.22 5.80 41.98
N LEU B 97 9.40 6.01 41.40
CA LEU B 97 9.67 5.57 40.03
C LEU B 97 10.06 4.10 40.04
N ARG B 98 9.20 3.24 39.50
CA ARG B 98 9.52 1.83 39.39
C ARG B 98 9.34 1.33 37.95
N TYR B 99 8.44 1.97 37.19
CA TYR B 99 8.08 1.51 35.85
C TYR B 99 8.17 2.65 34.86
N TYR B 100 8.67 2.34 33.66
CA TYR B 100 8.76 3.34 32.63
C TYR B 100 7.98 2.87 31.41
N PRO B 101 7.08 3.69 30.88
CA PRO B 101 6.31 3.30 29.71
C PRO B 101 7.15 3.40 28.46
N GLY B 102 7.03 2.41 27.58
CA GLY B 102 7.62 2.50 26.27
C GLY B 102 6.71 3.23 25.32
N SER B 103 7.22 3.44 24.10
CA SER B 103 6.43 4.11 23.06
C SER B 103 5.03 3.54 22.87
N PRO B 104 4.79 2.21 22.89
CA PRO B 104 3.40 1.72 22.75
C PRO B 104 2.47 2.16 23.86
N LEU B 105 2.96 2.27 25.09
CA LEU B 105 2.11 2.73 26.20
C LEU B 105 1.92 4.24 26.17
N ILE B 106 2.96 4.99 25.78
CA ILE B 106 2.76 6.41 25.56
C ILE B 106 1.61 6.63 24.59
N ALA B 107 1.58 5.88 23.48
CA ALA B 107 0.47 6.01 22.55
C ALA B 107 -0.84 5.46 23.12
N ARG B 108 -0.80 4.32 23.80
CA ARG B 108 -2.04 3.73 24.32
C ARG B 108 -2.77 4.71 25.24
N GLN B 109 -2.02 5.41 26.09
CA GLN B 109 -2.61 6.32 27.05
C GLN B 109 -3.02 7.66 26.43
N LEU B 110 -2.27 8.14 25.42
CA LEU B 110 -2.56 9.44 24.82
C LEU B 110 -3.67 9.38 23.78
N LEU B 111 -3.67 8.36 22.92
CA LEU B 111 -4.63 8.29 21.83
C LEU B 111 -6.06 8.19 22.38
N ARG B 112 -7.01 8.58 21.54
CA ARG B 112 -8.42 8.65 21.90
C ARG B 112 -9.14 7.33 21.56
N GLU B 113 -10.45 7.29 21.83
CA GLU B 113 -11.23 6.09 21.53
C GLU B 113 -11.22 5.78 20.03
N GLN B 114 -11.28 6.81 19.20
CA GLN B 114 -11.46 6.63 17.76
C GLN B 114 -10.18 6.29 17.02
N ASP B 115 -9.03 6.29 17.70
CA ASP B 115 -7.73 6.16 17.07
C ASP B 115 -7.29 4.70 17.01
N SER B 116 -6.28 4.44 16.20
CA SER B 116 -5.81 3.08 16.00
C SER B 116 -4.31 2.99 16.24
N LEU B 117 -3.89 1.83 16.74
CA LEU B 117 -2.49 1.52 16.93
C LEU B 117 -2.16 0.21 16.22
N GLN B 118 -1.05 0.19 15.51
CA GLN B 118 -0.51 -1.03 14.93
C GLN B 118 0.90 -1.17 15.46
N LEU B 119 1.13 -2.18 16.30
CA LEU B 119 2.40 -2.39 16.97
C LEU B 119 3.03 -3.69 16.50
N THR B 120 4.32 -3.63 16.19
CA THR B 120 5.07 -4.80 15.76
C THR B 120 6.36 -4.89 16.54
N GLU B 121 6.74 -6.12 16.88
CA GLU B 121 7.97 -6.44 17.58
C GLU B 121 8.36 -7.86 17.19
N LEU B 122 9.60 -8.02 16.74
CA LEU B 122 10.06 -9.26 16.13
C LEU B 122 10.69 -10.22 17.14
N HIS B 123 11.33 -9.72 18.17
CA HIS B 123 12.05 -10.59 19.09
C HIS B 123 11.07 -11.42 19.92
N PRO B 124 11.30 -12.75 20.03
CA PRO B 124 10.29 -13.63 20.63
C PRO B 124 10.18 -13.57 22.14
N SER B 125 11.13 -12.92 22.81
CA SER B 125 11.01 -12.77 24.25
C SER B 125 10.12 -11.57 24.62
N ASP B 126 10.03 -10.57 23.75
CA ASP B 126 9.30 -9.36 24.07
C ASP B 126 7.96 -9.24 23.37
N TYR B 127 7.78 -9.92 22.24
CA TYR B 127 6.49 -9.90 21.56
C TYR B 127 5.35 -10.38 22.44
N PRO B 128 5.48 -11.46 23.21
CA PRO B 128 4.38 -11.85 24.10
C PRO B 128 4.05 -10.80 25.15
N LEU B 129 5.05 -10.03 25.58
CA LEU B 129 4.76 -8.96 26.54
C LEU B 129 3.96 -7.86 25.88
N LEU B 130 4.35 -7.46 24.67
CA LEU B 130 3.62 -6.42 23.96
C LEU B 130 2.17 -6.82 23.73
N ARG B 131 1.98 -8.03 23.18
CA ARG B 131 0.64 -8.55 22.95
C ARG B 131 -0.22 -8.47 24.21
N SER B 132 0.34 -8.85 25.36
CA SER B 132 -0.44 -8.80 26.60
C SER B 132 -0.78 -7.36 27.00
N GLU B 133 0.04 -6.39 26.59
CA GLU B 133 -0.25 -4.99 26.91
C GLU B 133 -1.51 -4.48 26.23
N PHE B 134 -1.91 -5.09 25.11
CA PHE B 134 -3.09 -4.66 24.37
C PHE B 134 -4.18 -5.73 24.30
N GLN B 135 -4.07 -6.82 25.07
CA GLN B 135 -5.11 -7.87 25.07
C GLN B 135 -6.50 -7.31 25.33
N LYS B 136 -6.61 -6.20 26.06
CA LYS B 136 -7.91 -5.60 26.31
C LYS B 136 -8.20 -4.40 25.44
N ASP B 137 -7.24 -3.97 24.61
CA ASP B 137 -7.36 -2.72 23.86
C ASP B 137 -7.74 -3.05 22.42
N SER B 138 -9.04 -2.91 22.12
CA SER B 138 -9.60 -3.16 20.80
C SER B 138 -9.16 -2.15 19.75
N ARG B 139 -8.45 -1.09 20.12
CA ARG B 139 -7.89 -0.18 19.13
C ARG B 139 -6.63 -0.72 18.50
N ALA B 140 -6.00 -1.71 19.13
CA ALA B 140 -4.64 -2.11 18.81
C ALA B 140 -4.58 -3.45 18.11
N ARG B 141 -3.56 -3.58 17.26
CA ARG B 141 -3.22 -4.82 16.59
C ARG B 141 -1.73 -5.03 16.76
N VAL B 142 -1.34 -6.18 17.29
CA VAL B 142 0.04 -6.47 17.64
C VAL B 142 0.51 -7.64 16.78
N GLU B 143 1.65 -7.48 16.13
CA GLU B 143 2.16 -8.51 15.23
C GLU B 143 3.63 -8.79 15.49
N LYS B 144 4.00 -10.06 15.39
CA LYS B 144 5.38 -10.50 15.44
C LYS B 144 5.89 -10.53 13.99
N ALA B 145 6.56 -9.46 13.56
CA ALA B 145 7.03 -9.35 12.18
C ALA B 145 8.11 -8.29 12.08
N ASP B 146 8.77 -8.26 10.91
CA ASP B 146 9.83 -7.30 10.65
C ASP B 146 9.28 -5.89 10.53
N GLY B 147 9.91 -4.94 11.22
CA GLY B 147 9.32 -3.61 11.34
C GLY B 147 9.38 -2.81 10.05
N PHE B 148 10.47 -2.93 9.30
CA PHE B 148 10.55 -2.24 8.02
C PHE B 148 9.49 -2.74 7.05
N GLN B 149 9.19 -4.03 7.09
CA GLN B 149 8.12 -4.61 6.28
C GLN B 149 6.78 -3.91 6.52
N GLN B 150 6.55 -3.43 7.74
CA GLN B 150 5.27 -2.80 8.02
C GLN B 150 5.14 -1.46 7.32
N LEU B 151 6.25 -0.78 7.07
CA LEU B 151 6.21 0.48 6.34
C LEU B 151 5.66 0.30 4.92
N LYS B 152 5.67 -0.93 4.40
CA LYS B 152 4.95 -1.25 3.17
C LYS B 152 3.57 -1.83 3.47
N ALA B 153 3.49 -2.77 4.41
CA ALA B 153 2.26 -3.52 4.56
C ALA B 153 1.17 -2.70 5.23
N LYS B 154 1.52 -1.76 6.09
CA LYS B 154 0.54 -1.09 6.93
C LYS B 154 0.21 0.33 6.50
N LEU B 155 0.90 0.87 5.51
CA LEU B 155 0.60 2.20 5.04
C LEU B 155 0.04 2.14 3.62
N PRO B 156 -0.81 3.10 3.22
CA PRO B 156 -1.33 4.20 4.06
C PRO B 156 -2.37 3.66 5.03
N PRO B 157 -2.60 4.36 6.14
CA PRO B 157 -3.74 4.01 7.01
C PRO B 157 -5.07 4.31 6.34
N VAL B 158 -6.10 3.59 6.76
CA VAL B 158 -7.40 3.84 6.15
C VAL B 158 -7.91 5.23 6.53
N SER B 159 -7.54 5.72 7.72
CA SER B 159 -7.87 7.10 8.14
C SER B 159 -7.03 8.16 7.45
N ARG B 160 -5.99 7.77 6.69
CA ARG B 160 -5.12 8.71 5.99
C ARG B 160 -4.46 9.73 6.93
N ARG B 161 -4.28 9.33 8.19
CA ARG B 161 -3.56 10.14 9.17
C ARG B 161 -2.73 9.22 10.03
N GLY B 162 -1.54 9.66 10.41
CA GLY B 162 -0.76 8.81 11.27
C GLY B 162 0.57 9.39 11.67
N LEU B 163 1.08 8.84 12.76
CA LEU B 163 2.46 9.03 13.17
C LEU B 163 3.12 7.65 13.09
N ILE B 164 4.25 7.57 12.40
CA ILE B 164 5.01 6.33 12.32
C ILE B 164 6.30 6.52 13.11
N LEU B 165 6.55 5.64 14.07
CA LEU B 165 7.78 5.71 14.83
C LEU B 165 8.71 4.58 14.39
N ILE B 166 9.90 4.93 13.93
CA ILE B 166 10.90 3.97 13.47
C ILE B 166 12.03 3.98 14.49
N ASP B 167 12.14 2.88 15.24
CA ASP B 167 13.01 2.80 16.41
C ASP B 167 13.79 1.49 16.41
N PRO B 168 14.53 1.20 15.34
CA PRO B 168 15.19 -0.10 15.21
C PRO B 168 16.34 -0.24 16.17
N PRO B 169 16.81 -1.47 16.46
CA PRO B 169 17.82 -1.63 17.51
C PRO B 169 19.15 -0.97 17.18
N TYR B 170 19.53 -0.94 15.91
CA TYR B 170 20.87 -0.58 15.46
C TYR B 170 21.94 -1.54 15.99
N GLU B 171 21.52 -2.68 16.54
CA GLU B 171 22.46 -3.76 16.79
C GLU B 171 23.20 -4.08 15.51
N MET B 172 22.45 -4.39 14.45
CA MET B 172 22.99 -4.65 13.14
C MET B 172 23.13 -3.32 12.39
N LYS B 173 24.36 -2.95 12.05
CA LYS B 173 24.65 -1.66 11.42
C LYS B 173 23.90 -1.47 10.13
N THR B 174 23.38 -2.55 9.54
CA THR B 174 22.49 -2.47 8.40
C THR B 174 21.28 -1.55 8.67
N ASP B 175 20.96 -1.31 9.95
CA ASP B 175 19.84 -0.45 10.27
C ASP B 175 20.00 0.96 9.70
N TYR B 176 21.24 1.44 9.55
CA TYR B 176 21.46 2.81 9.10
C TYR B 176 20.92 3.03 7.69
N GLN B 177 21.07 2.05 6.80
CA GLN B 177 20.45 2.17 5.48
C GLN B 177 19.06 1.59 5.42
N ALA B 178 18.69 0.68 6.32
CA ALA B 178 17.32 0.15 6.29
C ALA B 178 16.32 1.20 6.71
N VAL B 179 16.68 2.07 7.66
CA VAL B 179 15.72 3.08 8.05
C VAL B 179 15.43 4.04 6.90
N VAL B 180 16.44 4.35 6.07
CA VAL B 180 16.21 5.32 5.01
C VAL B 180 15.42 4.68 3.86
N SER B 181 15.83 3.49 3.41
CA SER B 181 15.05 2.88 2.33
C SER B 181 13.69 2.44 2.84
N GLY B 182 13.60 2.08 4.13
CA GLY B 182 12.31 1.73 4.70
C GLY B 182 11.39 2.92 4.80
N ILE B 183 11.94 4.08 5.19
CA ILE B 183 11.13 5.29 5.25
C ILE B 183 10.77 5.76 3.84
N ALA B 184 11.71 5.70 2.91
CA ALA B 184 11.36 6.11 1.55
C ALA B 184 10.23 5.23 0.97
N GLU B 185 10.14 3.96 1.37
CA GLU B 185 9.04 3.12 0.88
C GLU B 185 7.71 3.52 1.52
N GLY B 186 7.73 3.83 2.82
CA GLY B 186 6.51 4.25 3.47
C GLY B 186 6.00 5.58 2.92
N TYR B 187 6.90 6.55 2.80
CA TYR B 187 6.55 7.86 2.25
C TYR B 187 5.92 7.80 0.87
N LYS B 188 6.33 6.82 0.04
CA LYS B 188 5.76 6.68 -1.31
C LYS B 188 4.36 6.06 -1.31
N ARG B 189 3.99 5.32 -0.26
CA ARG B 189 2.60 4.91 -0.05
C ARG B 189 1.79 5.91 0.75
N PHE B 190 2.46 6.81 1.49
CA PHE B 190 1.80 7.67 2.47
C PHE B 190 2.67 8.91 2.63
N ALA B 191 2.44 9.90 1.75
CA ALA B 191 3.30 11.08 1.65
C ALA B 191 2.99 12.16 2.67
N THR B 192 1.87 12.09 3.38
CA THR B 192 1.48 13.10 4.36
C THR B 192 1.51 12.61 5.79
N GLY B 193 1.88 11.35 6.03
CA GLY B 193 2.14 10.91 7.38
C GLY B 193 3.34 11.60 7.99
N THR B 194 3.35 11.60 9.32
CA THR B 194 4.48 12.10 10.08
C THR B 194 5.36 10.91 10.47
N TYR B 195 6.60 10.92 9.98
CA TYR B 195 7.59 9.89 10.24
C TYR B 195 8.59 10.44 11.25
N ALA B 196 8.80 9.71 12.34
CA ALA B 196 9.75 10.08 13.38
C ALA B 196 10.75 8.94 13.53
N LEU B 197 12.02 9.21 13.26
CA LEU B 197 13.04 8.18 13.32
C LEU B 197 13.99 8.49 14.47
N TRP B 198 14.19 7.53 15.36
CA TRP B 198 15.18 7.68 16.42
C TRP B 198 16.54 7.20 15.95
N TYR B 199 17.59 7.89 16.38
CA TYR B 199 18.91 7.39 16.04
C TYR B 199 19.89 7.70 17.15
N PRO B 200 20.86 6.82 17.37
CA PRO B 200 21.97 7.12 18.27
C PRO B 200 23.15 7.71 17.52
N VAL B 201 23.91 8.53 18.24
CA VAL B 201 25.20 9.01 17.78
C VAL B 201 26.27 8.25 18.56
N VAL B 202 26.83 7.23 17.92
CA VAL B 202 28.02 6.57 18.41
C VAL B 202 29.25 6.97 17.60
N LEU B 203 29.10 7.11 16.28
CA LEU B 203 30.12 7.70 15.43
C LEU B 203 29.45 8.68 14.47
N ARG B 204 29.87 9.95 14.52
CA ARG B 204 29.24 10.99 13.70
C ARG B 204 29.15 10.58 12.24
N GLN B 205 30.17 9.92 11.72
CA GLN B 205 30.23 9.58 10.31
C GLN B 205 29.00 8.77 9.89
N GLN B 206 28.66 7.75 10.68
CA GLN B 206 27.54 6.91 10.31
C GLN B 206 26.27 7.72 10.16
N ILE B 207 26.11 8.75 11.00
CA ILE B 207 24.91 9.58 10.95
C ILE B 207 24.95 10.54 9.78
N LYS B 208 26.12 11.13 9.49
CA LYS B 208 26.24 11.96 8.29
C LYS B 208 25.87 11.17 7.03
N ARG B 209 26.31 9.91 6.93
CA ARG B 209 25.95 9.12 5.76
C ARG B 209 24.45 8.83 5.73
N MET B 210 23.84 8.60 6.89
CA MET B 210 22.40 8.35 6.93
C MET B 210 21.62 9.57 6.46
N ILE B 211 21.98 10.73 6.98
CA ILE B 211 21.30 11.97 6.64
C ILE B 211 21.49 12.32 5.15
N HIS B 212 22.70 12.12 4.60
CA HIS B 212 22.89 12.30 3.18
C HIS B 212 21.94 11.42 2.37
N ASP B 213 21.89 10.12 2.70
CA ASP B 213 20.93 9.23 2.04
C ASP B 213 19.52 9.80 2.12
N LEU B 214 19.17 10.40 3.27
CA LEU B 214 17.86 10.99 3.44
C LEU B 214 17.68 12.19 2.54
N GLU B 215 18.72 13.03 2.40
CA GLU B 215 18.65 14.10 1.41
C GLU B 215 18.44 13.53 0.01
N ALA B 216 19.09 12.40 -0.28
CA ALA B 216 19.05 11.82 -1.61
C ALA B 216 17.67 11.31 -1.99
N THR B 217 16.79 11.03 -1.01
CA THR B 217 15.48 10.55 -1.39
C THR B 217 14.68 11.61 -2.13
N GLY B 218 14.97 12.88 -1.89
CA GLY B 218 14.11 13.93 -2.37
C GLY B 218 12.95 14.27 -1.45
N ILE B 219 12.84 13.63 -0.28
CA ILE B 219 11.76 13.98 0.64
C ILE B 219 12.02 15.37 1.22
N ARG B 220 10.99 16.22 1.21
CA ARG B 220 10.99 17.56 1.76
C ARG B 220 10.51 17.53 3.22
N LYS B 221 10.77 18.63 3.94
CA LYS B 221 10.21 18.90 5.27
C LYS B 221 10.67 17.85 6.30
N ILE B 222 11.99 17.84 6.49
CA ILE B 222 12.65 16.92 7.41
C ILE B 222 13.31 17.75 8.51
N LEU B 223 12.84 17.56 9.75
CA LEU B 223 13.36 18.27 10.92
C LEU B 223 14.25 17.34 11.74
N GLN B 224 15.36 17.88 12.25
CA GLN B 224 16.35 17.10 13.00
C GLN B 224 16.44 17.64 14.42
N ILE B 225 16.22 16.77 15.40
CA ILE B 225 16.24 17.16 16.81
C ILE B 225 17.27 16.29 17.51
N GLU B 226 18.38 16.88 17.98
CA GLU B 226 19.45 16.11 18.59
C GLU B 226 19.79 16.62 19.98
N LEU B 227 20.02 15.70 20.91
CA LEU B 227 20.42 16.02 22.27
C LEU B 227 21.66 15.20 22.59
N ALA B 228 22.75 15.89 22.92
CA ALA B 228 24.04 15.25 23.15
C ALA B 228 24.47 15.44 24.59
N VAL B 229 24.87 14.35 25.25
CA VAL B 229 25.40 14.45 26.60
C VAL B 229 26.92 14.58 26.62
N LEU B 230 27.59 14.27 25.52
CA LEU B 230 29.04 14.40 25.36
C LEU B 230 29.30 14.90 23.95
N PRO B 231 30.46 15.50 23.72
CA PRO B 231 30.86 15.76 22.33
C PRO B 231 31.12 14.45 21.59
N ASP B 232 31.05 14.51 20.27
CA ASP B 232 31.31 13.36 19.42
C ASP B 232 32.62 12.68 19.82
N SER B 233 32.62 11.36 19.83
CA SER B 233 33.76 10.59 20.29
C SER B 233 34.07 9.47 19.31
N ASP B 234 35.37 9.23 19.09
CA ASP B 234 35.78 8.15 18.20
C ASP B 234 35.50 6.79 18.81
N ARG B 235 35.48 6.70 20.14
CA ARG B 235 35.24 5.45 20.84
C ARG B 235 34.87 5.70 22.30
N ARG B 236 33.62 6.11 22.54
CA ARG B 236 33.10 6.26 23.89
C ARG B 236 31.62 5.89 23.92
N GLY B 237 31.21 4.97 23.06
CA GLY B 237 29.81 4.58 23.02
C GLY B 237 28.93 5.70 22.52
N MET B 238 27.66 5.64 22.92
CA MET B 238 26.67 6.60 22.45
C MET B 238 26.83 7.92 23.20
N THR B 239 27.14 8.98 22.46
CA THR B 239 27.32 10.29 23.07
C THR B 239 26.15 11.23 22.80
N ALA B 240 25.24 10.87 21.89
CA ALA B 240 24.07 11.68 21.62
C ALA B 240 22.99 10.81 21.01
N SER B 241 21.76 11.28 21.10
CA SER B 241 20.67 10.63 20.38
C SER B 241 19.84 11.72 19.71
N GLY B 242 19.10 11.33 18.68
CA GLY B 242 18.34 12.31 17.93
C GLY B 242 17.04 11.75 17.40
N MET B 243 16.14 12.68 17.04
CA MET B 243 14.91 12.37 16.35
C MET B 243 14.91 13.10 15.02
N ILE B 244 14.68 12.36 13.94
CA ILE B 244 14.51 12.94 12.63
C ILE B 244 13.03 12.82 12.29
N VAL B 245 12.40 13.93 11.94
CA VAL B 245 10.95 14.02 11.81
C VAL B 245 10.59 14.48 10.41
N ILE B 246 9.83 13.68 9.69
CA ILE B 246 9.34 14.09 8.38
C ILE B 246 7.89 14.51 8.53
N ASN B 247 7.51 15.59 7.87
CA ASN B 247 6.19 16.19 8.05
C ASN B 247 5.87 16.45 9.52
N PRO B 248 6.72 17.17 10.24
CA PRO B 248 6.39 17.52 11.61
C PRO B 248 5.17 18.42 11.65
N PRO B 249 4.34 18.30 12.68
CA PRO B 249 3.30 19.30 12.87
C PRO B 249 3.94 20.68 12.97
N TRP B 250 3.23 21.69 12.50
CA TRP B 250 3.82 23.03 12.38
C TRP B 250 4.37 23.52 13.72
N LYS B 251 3.81 23.07 14.84
CA LYS B 251 4.21 23.61 16.13
C LYS B 251 5.48 22.97 16.70
N LEU B 252 5.92 21.83 16.17
CA LEU B 252 6.95 21.04 16.85
C LEU B 252 8.28 21.78 16.96
N GLU B 253 8.67 22.53 15.92
CA GLU B 253 9.93 23.25 16.01
C GLU B 253 9.91 24.24 17.17
N GLN B 254 8.86 25.05 17.24
CA GLN B 254 8.72 25.98 18.35
C GLN B 254 8.81 25.25 19.70
N GLN B 255 8.08 24.13 19.82
CA GLN B 255 8.02 23.42 21.10
C GLN B 255 9.39 22.88 21.53
N MET B 256 10.14 22.28 20.60
CA MET B 256 11.48 21.80 20.95
C MET B 256 12.45 22.96 21.20
N ASN B 257 12.27 24.10 20.54
CA ASN B 257 13.06 25.27 20.91
C ASN B 257 12.83 25.65 22.36
N ASN B 258 11.57 25.65 22.79
CA ASN B 258 11.26 25.97 24.18
C ASN B 258 11.87 24.95 25.13
N VAL B 259 11.79 23.67 24.79
CA VAL B 259 12.03 22.62 25.79
C VAL B 259 13.45 22.08 25.76
N LEU B 260 14.09 22.05 24.59
CA LEU B 260 15.39 21.41 24.49
C LEU B 260 16.41 22.01 25.45
N PRO B 261 16.56 23.34 25.56
CA PRO B 261 17.52 23.85 26.55
C PRO B 261 17.19 23.44 27.96
N TRP B 262 15.90 23.35 28.31
CA TRP B 262 15.56 22.86 29.64
C TRP B 262 16.01 21.42 29.80
N LEU B 263 15.61 20.55 28.86
CA LEU B 263 15.97 19.14 28.96
C LEU B 263 17.48 18.96 29.10
N HIS B 264 18.25 19.72 28.32
CA HIS B 264 19.69 19.51 28.34
C HIS B 264 20.27 19.89 29.70
N SER B 265 19.81 20.99 30.27
CA SER B 265 20.35 21.42 31.56
C SER B 265 20.06 20.38 32.64
N LYS B 266 18.85 19.83 32.65
CA LYS B 266 18.53 18.83 33.67
C LYS B 266 19.16 17.47 33.37
N LEU B 267 19.28 17.10 32.10
CA LEU B 267 19.85 15.78 31.83
C LEU B 267 21.37 15.77 31.87
N VAL B 268 22.02 16.89 31.52
CA VAL B 268 23.47 16.93 31.61
C VAL B 268 23.86 18.19 32.36
N PRO B 269 23.88 18.15 33.70
CA PRO B 269 24.19 19.35 34.48
C PRO B 269 25.59 19.90 34.23
N ALA B 270 26.48 19.11 33.63
CA ALA B 270 27.84 19.59 33.40
C ALA B 270 27.93 20.57 32.23
N GLY B 271 26.91 20.63 31.36
CA GLY B 271 26.93 21.55 30.24
C GLY B 271 27.73 21.07 29.04
N THR B 272 28.17 19.82 29.06
CA THR B 272 28.80 19.17 27.94
C THR B 272 27.75 18.72 26.92
N GLY B 273 28.20 18.53 25.69
CA GLY B 273 27.29 18.09 24.65
C GLY B 273 26.59 19.25 23.97
N HIS B 274 25.37 19.03 23.48
CA HIS B 274 24.63 20.07 22.81
C HIS B 274 23.17 19.68 22.73
N ALA B 275 22.37 20.62 22.23
CA ALA B 275 20.96 20.39 21.99
C ALA B 275 20.56 21.24 20.80
N THR B 276 20.16 20.61 19.70
CA THR B 276 19.94 21.38 18.49
C THR B 276 18.64 20.98 17.82
N VAL B 277 18.02 21.96 17.17
CA VAL B 277 16.90 21.74 16.28
C VAL B 277 17.25 22.41 14.96
N SER B 278 17.15 21.66 13.86
CA SER B 278 17.41 22.26 12.57
C SER B 278 16.82 21.39 11.47
N TRP B 279 16.58 22.02 10.32
CA TRP B 279 15.96 21.36 9.20
C TRP B 279 17.05 20.70 8.35
N ILE B 280 16.90 19.39 8.13
CA ILE B 280 17.74 18.73 7.14
C ILE B 280 17.30 19.13 5.75
N VAL B 281 15.99 19.10 5.49
CA VAL B 281 15.43 19.60 4.23
C VAL B 281 14.16 20.40 4.52
N PRO B 282 14.09 21.67 4.11
CA PRO B 282 12.85 22.43 4.36
C PRO B 282 11.70 21.99 3.46
N GLU B 283 10.55 22.63 3.61
CA GLU B 283 9.46 22.44 2.68
C GLU B 283 9.84 23.04 1.32
N SER C 6 49.78 1.94 3.10
CA SER C 6 50.33 2.65 1.94
C SER C 6 49.66 2.22 0.62
N TYR C 7 49.71 3.10 -0.39
CA TYR C 7 48.93 2.89 -1.60
C TYR C 7 49.43 1.69 -2.38
N ARG C 8 48.48 0.94 -2.96
CA ARG C 8 48.77 -0.26 -3.73
C ARG C 8 49.59 0.06 -4.98
N HIS C 9 50.58 -0.78 -5.25
CA HIS C 9 51.24 -0.85 -6.55
C HIS C 9 50.44 -1.78 -7.47
N SER C 10 50.44 -1.44 -8.76
CA SER C 10 49.74 -2.26 -9.75
C SER C 10 50.48 -2.22 -11.07
N PHE C 11 50.82 -3.40 -11.58
CA PHE C 11 51.47 -3.52 -12.89
C PHE C 11 50.54 -3.11 -14.02
N HIS C 12 49.27 -3.49 -13.91
CA HIS C 12 48.28 -3.34 -14.95
C HIS C 12 47.59 -1.99 -14.97
N ALA C 13 47.61 -1.24 -13.86
CA ALA C 13 46.74 -0.08 -13.74
C ALA C 13 47.09 0.96 -14.79
N GLY C 14 46.05 1.57 -15.37
CA GLY C 14 46.24 2.54 -16.43
C GLY C 14 46.58 1.94 -17.77
N ASN C 15 46.35 0.63 -17.96
CA ASN C 15 46.54 -0.03 -19.24
C ASN C 15 45.49 0.46 -20.23
N HIS C 16 45.59 -0.03 -21.47
CA HIS C 16 44.69 0.42 -22.52
C HIS C 16 43.24 0.16 -22.17
N ALA C 17 42.98 -0.85 -21.34
CA ALA C 17 41.63 -1.20 -20.95
C ALA C 17 41.03 -0.19 -19.95
N ASP C 18 41.84 0.25 -18.97
CA ASP C 18 41.42 1.32 -18.06
C ASP C 18 41.16 2.62 -18.80
N VAL C 19 42.02 2.96 -19.78
CA VAL C 19 41.78 4.14 -20.60
C VAL C 19 40.39 4.10 -21.20
N LEU C 20 40.03 2.96 -21.80
CA LEU C 20 38.71 2.84 -22.40
C LEU C 20 37.61 2.84 -21.34
N LYS C 21 37.79 2.06 -20.27
CA LYS C 21 36.73 1.91 -19.27
C LYS C 21 36.49 3.22 -18.53
N HIS C 22 37.57 3.92 -18.18
CA HIS C 22 37.43 5.13 -17.39
C HIS C 22 37.04 6.32 -18.24
N THR C 23 37.37 6.31 -19.53
CA THR C 23 36.79 7.27 -20.46
C THR C 23 35.27 7.16 -20.43
N VAL C 24 34.77 5.96 -20.71
CA VAL C 24 33.34 5.68 -20.78
C VAL C 24 32.64 6.05 -19.47
N GLN C 25 33.19 5.56 -18.35
CA GLN C 25 32.64 5.93 -17.03
C GLN C 25 32.60 7.43 -16.84
N SER C 26 33.68 8.12 -17.22
CA SER C 26 33.69 9.57 -17.02
C SER C 26 32.66 10.26 -17.90
N LEU C 27 32.38 9.73 -19.09
CA LEU C 27 31.38 10.35 -19.97
C LEU C 27 29.95 10.10 -19.49
N ILE C 28 29.65 8.94 -18.92
CA ILE C 28 28.29 8.72 -18.43
C ILE C 28 28.04 9.60 -17.22
N ILE C 29 29.06 9.74 -16.37
CA ILE C 29 28.92 10.57 -15.19
C ILE C 29 28.67 12.01 -15.57
N GLU C 30 29.37 12.50 -16.60
CA GLU C 30 29.13 13.86 -17.05
C GLU C 30 27.74 14.02 -17.65
N SER C 31 27.24 12.98 -18.32
CA SER C 31 25.87 13.01 -18.82
C SER C 31 24.86 13.05 -17.67
N LEU C 32 25.09 12.26 -16.63
CA LEU C 32 24.16 12.23 -15.50
C LEU C 32 24.12 13.56 -14.75
N LYS C 33 25.25 14.31 -14.75
CA LYS C 33 25.34 15.58 -14.05
C LYS C 33 24.62 16.71 -14.76
N GLU C 34 24.01 16.45 -15.92
CA GLU C 34 23.25 17.46 -16.63
C GLU C 34 21.87 17.72 -16.00
N LYS C 35 21.48 16.98 -14.96
CA LYS C 35 20.23 17.20 -14.24
C LYS C 35 20.52 17.29 -12.74
N ASP C 36 19.91 18.28 -12.07
CA ASP C 36 20.34 18.61 -10.70
C ASP C 36 20.05 17.50 -9.71
N LYS C 37 19.02 16.69 -9.94
CA LYS C 37 18.68 15.62 -9.01
C LYS C 37 19.89 14.71 -8.76
N PRO C 38 20.10 14.26 -7.52
CA PRO C 38 21.22 13.34 -7.27
C PRO C 38 21.06 12.02 -8.00
N PHE C 39 22.19 11.35 -8.17
CA PHE C 39 22.21 10.01 -8.70
C PHE C 39 23.21 9.19 -7.89
N LEU C 40 23.18 7.89 -8.13
CA LEU C 40 24.03 6.97 -7.38
C LEU C 40 25.08 6.38 -8.32
N TYR C 41 26.32 6.28 -7.84
CA TYR C 41 27.38 5.57 -8.53
C TYR C 41 27.63 4.27 -7.77
N LEU C 42 27.35 3.13 -8.39
CA LEU C 42 27.52 1.83 -7.75
C LEU C 42 28.62 1.05 -8.46
N ASP C 43 29.68 0.76 -7.73
CA ASP C 43 30.88 0.10 -8.26
C ASP C 43 30.92 -1.30 -7.65
N THR C 44 30.61 -2.34 -8.46
CA THR C 44 30.44 -3.66 -7.86
C THR C 44 31.75 -4.30 -7.44
N HIS C 45 32.87 -3.89 -8.03
CA HIS C 45 34.15 -4.53 -7.78
C HIS C 45 35.18 -3.41 -7.83
N ALA C 46 35.28 -2.66 -6.74
CA ALA C 46 35.84 -1.33 -6.79
C ALA C 46 37.37 -1.30 -6.75
N GLY C 47 38.01 -2.33 -6.22
CA GLY C 47 39.45 -2.33 -6.14
C GLY C 47 39.93 -1.44 -5.00
N ALA C 48 41.22 -1.10 -5.05
CA ALA C 48 41.83 -0.36 -3.94
C ALA C 48 41.44 1.11 -3.93
N GLY C 49 41.07 1.70 -5.07
CA GLY C 49 40.90 3.14 -5.11
C GLY C 49 41.88 3.89 -5.99
N ARG C 50 43.18 3.88 -5.65
CA ARG C 50 44.25 4.45 -6.47
C ARG C 50 45.41 3.46 -6.58
N TYR C 51 46.37 3.77 -7.45
CA TYR C 51 47.43 2.81 -7.75
C TYR C 51 48.75 3.54 -7.98
N GLN C 52 49.83 3.02 -7.42
CA GLN C 52 51.14 3.62 -7.57
C GLN C 52 51.83 3.00 -8.77
N LEU C 53 52.19 3.83 -9.75
CA LEU C 53 52.70 3.36 -11.04
C LEU C 53 54.21 3.19 -11.03
N GLY C 54 54.68 2.12 -11.65
CA GLY C 54 56.11 1.85 -11.78
C GLY C 54 56.66 1.00 -10.65
N SER C 55 57.97 1.14 -10.43
CA SER C 55 58.62 0.45 -9.31
C SER C 55 59.94 1.13 -8.90
N THR C 61 58.75 0.70 -16.50
CA THR C 61 57.98 -0.55 -16.35
C THR C 61 56.50 -0.28 -16.09
N GLY C 62 55.63 -1.26 -16.35
CA GLY C 62 54.21 -1.12 -16.06
C GLY C 62 53.38 -0.90 -17.30
N LYS C 63 52.16 -1.44 -17.33
CA LYS C 63 51.33 -1.34 -18.53
C LYS C 63 50.82 0.07 -18.78
N TYR C 64 50.92 0.97 -17.79
CA TYR C 64 50.51 2.35 -18.01
C TYR C 64 51.34 3.05 -19.10
N LEU C 65 52.55 2.54 -19.37
CA LEU C 65 53.37 3.17 -20.40
C LEU C 65 52.75 3.04 -21.78
N GLU C 66 52.03 1.95 -22.03
CA GLU C 66 51.26 1.76 -23.25
C GLU C 66 49.82 2.26 -23.14
N GLY C 67 49.38 2.70 -21.95
CA GLY C 67 48.01 3.14 -21.81
C GLY C 67 47.89 4.63 -21.50
N ILE C 68 47.53 4.96 -20.25
CA ILE C 68 47.34 6.36 -19.86
C ILE C 68 48.56 7.22 -20.23
N ALA C 69 49.76 6.66 -20.19
CA ALA C 69 50.95 7.45 -20.51
C ALA C 69 50.92 8.00 -21.94
N ARG C 70 50.31 7.29 -22.87
CA ARG C 70 50.32 7.75 -24.25
C ARG C 70 49.18 8.72 -24.54
N ILE C 71 48.39 9.09 -23.54
CA ILE C 71 47.17 9.86 -23.73
C ILE C 71 47.22 11.18 -22.98
N TRP C 72 47.66 11.14 -21.71
CA TRP C 72 47.26 12.17 -20.75
C TRP C 72 47.97 13.50 -20.95
N GLN C 73 49.11 13.53 -21.63
CA GLN C 73 49.77 14.80 -21.94
C GLN C 73 49.70 15.13 -23.42
N GLN C 74 48.83 14.46 -24.18
CA GLN C 74 48.67 14.78 -25.59
C GLN C 74 48.02 16.15 -25.74
N ASP C 75 48.57 16.96 -26.65
CA ASP C 75 48.05 18.31 -26.78
C ASP C 75 46.88 18.42 -27.74
N ASP C 76 46.48 17.34 -28.39
CA ASP C 76 45.28 17.35 -29.22
C ASP C 76 44.16 16.54 -28.55
N LEU C 77 44.05 16.66 -27.24
CA LEU C 77 43.11 15.85 -26.47
C LEU C 77 41.67 16.15 -26.88
N PRO C 78 40.93 15.17 -27.39
CA PRO C 78 39.51 15.41 -27.71
C PRO C 78 38.74 15.82 -26.47
N ALA C 79 37.70 16.64 -26.67
CA ALA C 79 36.90 17.14 -25.56
C ALA C 79 36.32 16.03 -24.71
N GLU C 80 35.96 14.90 -25.34
CA GLU C 80 35.36 13.76 -24.66
C GLU C 80 36.28 13.13 -23.61
N LEU C 81 37.56 13.52 -23.55
CA LEU C 81 38.49 13.01 -22.56
C LEU C 81 38.77 13.98 -21.43
N GLU C 82 38.26 15.21 -21.53
CA GLU C 82 38.72 16.29 -20.66
C GLU C 82 38.45 15.99 -19.19
N ALA C 83 37.22 15.59 -18.84
CA ALA C 83 36.94 15.30 -17.43
C ALA C 83 37.82 14.16 -16.92
N TYR C 84 37.87 13.06 -17.66
CA TYR C 84 38.72 11.93 -17.28
C TYR C 84 40.17 12.37 -17.04
N ILE C 85 40.81 12.98 -18.04
CA ILE C 85 42.23 13.34 -17.93
C ILE C 85 42.44 14.36 -16.81
N ASN C 86 41.49 15.27 -16.64
CA ASN C 86 41.60 16.22 -15.55
C ASN C 86 41.61 15.52 -14.20
N VAL C 87 40.94 14.36 -14.08
CA VAL C 87 41.00 13.61 -12.83
C VAL C 87 42.39 13.00 -12.65
N VAL C 88 42.90 12.31 -13.68
CA VAL C 88 44.26 11.81 -13.63
C VAL C 88 45.24 12.93 -13.30
N LYS C 89 45.05 14.11 -13.91
CA LYS C 89 45.96 15.22 -13.65
C LYS C 89 45.87 15.69 -12.21
N HIS C 90 44.67 15.64 -11.63
CA HIS C 90 44.47 16.09 -10.25
C HIS C 90 45.33 15.32 -9.27
N PHE C 91 45.69 14.08 -9.62
CA PHE C 91 46.47 13.22 -8.77
C PHE C 91 47.93 13.17 -9.19
N ASN C 92 48.32 13.96 -10.19
CA ASN C 92 49.69 14.00 -10.68
C ASN C 92 50.03 15.45 -11.06
N ARG C 93 49.95 16.35 -10.07
CA ARG C 93 50.06 17.77 -10.34
C ARG C 93 51.47 18.20 -10.73
N SER C 94 52.50 17.42 -10.41
CA SER C 94 53.86 17.81 -10.76
C SER C 94 54.16 17.64 -12.25
N GLY C 95 53.32 16.91 -12.98
CA GLY C 95 53.56 16.60 -14.38
C GLY C 95 54.09 15.21 -14.62
N GLN C 96 54.54 14.53 -13.57
CA GLN C 96 55.08 13.17 -13.65
C GLN C 96 53.98 12.16 -13.31
N LEU C 97 53.82 11.17 -14.18
CA LEU C 97 52.78 10.15 -14.02
C LEU C 97 53.16 9.20 -12.91
N ARG C 98 52.62 9.41 -11.70
CA ARG C 98 52.97 8.61 -10.53
C ARG C 98 51.79 7.90 -9.85
N TYR C 99 50.56 8.39 -9.99
CA TYR C 99 49.40 7.70 -9.44
C TYR C 99 48.30 7.65 -10.48
N TYR C 100 47.52 6.56 -10.45
CA TYR C 100 46.43 6.40 -11.37
C TYR C 100 45.15 6.18 -10.57
N PRO C 101 44.10 6.97 -10.81
CA PRO C 101 42.85 6.80 -10.07
C PRO C 101 42.06 5.64 -10.65
N GLY C 102 41.67 4.70 -9.80
CA GLY C 102 40.71 3.68 -10.21
C GLY C 102 39.33 4.29 -10.36
N SER C 103 38.39 3.44 -10.79
CA SER C 103 37.01 3.88 -10.96
C SER C 103 36.39 4.53 -9.71
N PRO C 104 36.76 4.16 -8.47
CA PRO C 104 36.21 4.88 -7.32
C PRO C 104 36.66 6.31 -7.21
N LEU C 105 37.93 6.61 -7.55
CA LEU C 105 38.40 7.97 -7.36
C LEU C 105 37.92 8.87 -8.48
N ILE C 106 37.82 8.30 -9.67
CA ILE C 106 37.17 9.00 -10.77
C ILE C 106 35.80 9.47 -10.34
N ALA C 107 34.95 8.53 -9.89
CA ALA C 107 33.64 8.91 -9.38
C ALA C 107 33.74 9.88 -8.22
N ARG C 108 34.65 9.64 -7.27
CA ARG C 108 34.74 10.52 -6.11
C ARG C 108 35.01 11.96 -6.52
N GLN C 109 35.84 12.15 -7.55
CA GLN C 109 36.15 13.51 -7.96
C GLN C 109 35.09 14.11 -8.88
N LEU C 110 34.37 13.30 -9.67
CA LEU C 110 33.41 13.88 -10.61
C LEU C 110 32.03 14.09 -10.01
N LEU C 111 31.65 13.30 -9.01
CA LEU C 111 30.30 13.40 -8.45
C LEU C 111 30.17 14.68 -7.63
N ARG C 112 28.98 15.25 -7.67
CA ARG C 112 28.69 16.47 -6.93
C ARG C 112 28.37 16.16 -5.47
N GLU C 113 28.19 17.23 -4.67
CA GLU C 113 27.84 17.06 -3.26
C GLU C 113 26.60 16.22 -3.09
N GLN C 114 25.59 16.40 -3.95
CA GLN C 114 24.32 15.71 -3.72
C GLN C 114 24.34 14.25 -4.12
N ASP C 115 25.28 13.83 -4.97
CA ASP C 115 25.29 12.46 -5.49
C ASP C 115 25.75 11.49 -4.42
N SER C 116 25.61 10.20 -4.70
CA SER C 116 26.00 9.20 -3.71
C SER C 116 26.81 8.11 -4.37
N LEU C 117 27.65 7.42 -3.57
CA LEU C 117 28.47 6.33 -4.06
C LEU C 117 28.26 5.10 -3.19
N GLN C 118 28.21 3.95 -3.85
CA GLN C 118 28.20 2.66 -3.19
C GLN C 118 29.32 1.84 -3.82
N LEU C 119 30.29 1.46 -3.02
CA LEU C 119 31.52 0.83 -3.48
C LEU C 119 31.68 -0.49 -2.74
N THR C 120 32.01 -1.55 -3.45
CA THR C 120 32.13 -2.81 -2.76
C THR C 120 33.38 -3.52 -3.24
N GLU C 121 34.09 -4.17 -2.31
CA GLU C 121 35.35 -4.81 -2.65
C GLU C 121 35.60 -5.94 -1.67
N LEU C 122 36.07 -7.09 -2.19
CA LEU C 122 36.24 -8.26 -1.34
C LEU C 122 37.68 -8.54 -0.96
N HIS C 123 38.65 -8.18 -1.81
CA HIS C 123 40.03 -8.54 -1.52
C HIS C 123 40.47 -7.93 -0.21
N PRO C 124 40.87 -8.74 0.77
CA PRO C 124 41.17 -8.20 2.11
C PRO C 124 42.34 -7.24 2.15
N SER C 125 43.24 -7.27 1.15
CA SER C 125 44.27 -6.24 1.14
C SER C 125 43.79 -4.95 0.51
N ASP C 126 42.67 -4.98 -0.22
CA ASP C 126 42.21 -3.81 -0.96
C ASP C 126 41.07 -3.06 -0.27
N TYR C 127 40.23 -3.76 0.48
CA TYR C 127 39.11 -3.09 1.14
C TYR C 127 39.55 -2.02 2.13
N PRO C 128 40.59 -2.21 2.96
CA PRO C 128 40.98 -1.12 3.88
C PRO C 128 41.51 0.10 3.17
N LEU C 129 42.22 -0.07 2.05
CA LEU C 129 42.64 1.10 1.29
C LEU C 129 41.44 1.81 0.69
N LEU C 130 40.49 1.06 0.13
CA LEU C 130 39.29 1.68 -0.42
C LEU C 130 38.45 2.36 0.67
N ARG C 131 38.31 1.70 1.83
CA ARG C 131 37.59 2.31 2.96
C ARG C 131 38.18 3.68 3.29
N SER C 132 39.51 3.76 3.44
CA SER C 132 40.13 5.02 3.80
C SER C 132 40.02 6.08 2.70
N GLU C 133 39.91 5.69 1.42
CA GLU C 133 39.66 6.71 0.40
C GLU C 133 38.37 7.48 0.68
N PHE C 134 37.40 6.88 1.39
CA PHE C 134 36.15 7.55 1.69
C PHE C 134 35.93 7.74 3.20
N GLN C 135 37.03 7.80 3.97
CA GLN C 135 36.97 7.98 5.43
C GLN C 135 35.97 9.06 5.83
N LYS C 136 36.08 10.23 5.22
CA LYS C 136 35.26 11.38 5.58
C LYS C 136 34.36 11.81 4.42
N ASP C 137 34.18 10.97 3.41
CA ASP C 137 33.19 11.27 2.39
C ASP C 137 31.82 10.80 2.89
N SER C 138 30.95 11.75 3.22
CA SER C 138 29.62 11.38 3.67
C SER C 138 28.71 10.97 2.50
N ARG C 139 29.11 11.25 1.25
CA ARG C 139 28.35 10.77 0.10
C ARG C 139 28.51 9.27 -0.09
N ALA C 140 29.49 8.67 0.58
CA ALA C 140 30.09 7.43 0.16
C ALA C 140 29.89 6.34 1.19
N ARG C 141 29.56 5.15 0.70
CA ARG C 141 29.56 3.95 1.50
C ARG C 141 30.45 2.91 0.85
N VAL C 142 31.29 2.27 1.66
CA VAL C 142 32.21 1.24 1.20
C VAL C 142 31.91 -0.02 1.97
N GLU C 143 31.88 -1.15 1.26
CA GLU C 143 31.48 -2.44 1.82
C GLU C 143 32.41 -3.54 1.34
N LYS C 144 32.74 -4.43 2.28
CA LYS C 144 33.41 -5.68 1.95
C LYS C 144 32.32 -6.72 1.75
N ALA C 145 31.93 -6.94 0.49
CA ALA C 145 30.81 -7.81 0.18
C ALA C 145 30.91 -8.20 -1.29
N ASP C 146 30.13 -9.21 -1.65
CA ASP C 146 30.15 -9.74 -3.01
C ASP C 146 29.45 -8.76 -3.95
N GLY C 147 30.13 -8.43 -5.05
CA GLY C 147 29.64 -7.34 -5.89
C GLY C 147 28.37 -7.67 -6.63
N PHE C 148 28.23 -8.92 -7.09
CA PHE C 148 27.05 -9.28 -7.85
C PHE C 148 25.79 -9.18 -6.99
N GLN C 149 25.89 -9.54 -5.72
CA GLN C 149 24.75 -9.47 -4.82
C GLN C 149 24.25 -8.03 -4.66
N GLN C 150 25.12 -7.04 -4.87
CA GLN C 150 24.70 -5.65 -4.71
C GLN C 150 23.69 -5.23 -5.77
N LEU C 151 23.67 -5.93 -6.91
CA LEU C 151 22.68 -5.64 -7.95
C LEU C 151 21.28 -6.00 -7.50
N LYS C 152 21.16 -6.90 -6.53
CA LYS C 152 19.86 -7.13 -5.88
C LYS C 152 19.69 -6.26 -4.63
N ALA C 153 20.74 -6.12 -3.81
CA ALA C 153 20.58 -5.47 -2.51
C ALA C 153 20.48 -3.96 -2.60
N LYS C 154 21.10 -3.33 -3.61
CA LYS C 154 21.25 -1.89 -3.62
C LYS C 154 20.41 -1.20 -4.67
N LEU C 155 19.51 -1.91 -5.33
CA LEU C 155 18.81 -1.30 -6.44
C LEU C 155 17.32 -1.52 -6.26
N PRO C 156 16.50 -0.52 -6.60
CA PRO C 156 16.91 0.77 -7.15
C PRO C 156 17.53 1.76 -6.13
N PRO C 157 18.22 2.78 -6.61
CA PRO C 157 18.74 3.81 -5.70
C PRO C 157 17.61 4.70 -5.21
N VAL C 158 17.76 5.21 -3.98
CA VAL C 158 16.71 6.08 -3.44
C VAL C 158 16.56 7.31 -4.33
N SER C 159 17.63 7.71 -5.02
CA SER C 159 17.54 8.83 -5.94
C SER C 159 16.78 8.49 -7.22
N ARG C 160 16.67 7.20 -7.56
CA ARG C 160 16.05 6.75 -8.82
C ARG C 160 16.78 7.25 -10.06
N ARG C 161 18.09 7.46 -9.96
CA ARG C 161 18.97 7.69 -11.10
C ARG C 161 20.29 7.01 -10.80
N GLY C 162 21.04 6.60 -11.83
CA GLY C 162 22.36 6.11 -11.48
C GLY C 162 23.16 5.51 -12.62
N LEU C 163 24.41 5.25 -12.28
CA LEU C 163 25.35 4.50 -13.10
C LEU C 163 25.80 3.31 -12.27
N ILE C 164 25.72 2.13 -12.85
CA ILE C 164 26.17 0.90 -12.21
C ILE C 164 27.33 0.37 -13.02
N LEU C 165 28.51 0.39 -12.43
CA LEU C 165 29.70 -0.18 -13.06
C LEU C 165 29.91 -1.60 -12.55
N ILE C 166 29.98 -2.55 -13.47
CA ILE C 166 30.16 -3.97 -13.18
C ILE C 166 31.47 -4.38 -13.83
N ASP C 167 32.51 -4.60 -13.02
CA ASP C 167 33.89 -4.66 -13.51
C ASP C 167 34.66 -5.74 -12.76
N PRO C 168 34.28 -7.00 -12.93
CA PRO C 168 34.85 -8.06 -12.10
C PRO C 168 36.20 -8.52 -12.65
N PRO C 169 36.90 -9.38 -11.91
CA PRO C 169 38.24 -9.80 -12.37
C PRO C 169 38.23 -10.64 -13.64
N TYR C 170 37.24 -11.53 -13.81
CA TYR C 170 37.25 -12.59 -14.84
C TYR C 170 38.45 -13.52 -14.72
N GLU C 171 38.94 -13.74 -13.50
CA GLU C 171 39.87 -14.85 -13.28
C GLU C 171 39.15 -16.19 -13.40
N MET C 172 38.06 -16.34 -12.65
CA MET C 172 37.17 -17.47 -12.82
C MET C 172 36.24 -17.19 -13.99
N LYS C 173 36.19 -18.11 -14.95
CA LYS C 173 35.31 -17.94 -16.10
C LYS C 173 33.83 -17.98 -15.71
N THR C 174 33.48 -18.41 -14.49
CA THR C 174 32.12 -18.18 -14.04
C THR C 174 31.68 -16.72 -14.23
N ASP C 175 32.63 -15.78 -14.10
CA ASP C 175 32.27 -14.35 -14.16
C ASP C 175 31.48 -14.00 -15.41
N TYR C 176 31.84 -14.59 -16.57
CA TYR C 176 31.12 -14.31 -17.80
C TYR C 176 29.64 -14.68 -17.72
N GLN C 177 29.27 -15.61 -16.83
CA GLN C 177 27.84 -15.86 -16.59
C GLN C 177 27.29 -14.97 -15.49
N ALA C 178 28.08 -14.73 -14.44
CA ALA C 178 27.62 -13.91 -13.35
C ALA C 178 27.28 -12.50 -13.80
N VAL C 179 28.01 -11.96 -14.79
CA VAL C 179 27.77 -10.58 -15.21
C VAL C 179 26.40 -10.44 -15.87
N VAL C 180 25.99 -11.45 -16.66
CA VAL C 180 24.72 -11.37 -17.36
C VAL C 180 23.55 -11.51 -16.39
N SER C 181 23.60 -12.52 -15.51
CA SER C 181 22.48 -12.72 -14.59
C SER C 181 22.38 -11.59 -13.56
N GLY C 182 23.51 -11.06 -13.09
CA GLY C 182 23.46 -9.89 -12.22
C GLY C 182 22.83 -8.68 -12.90
N ILE C 183 23.20 -8.44 -14.17
CA ILE C 183 22.62 -7.32 -14.89
C ILE C 183 21.11 -7.48 -15.03
N ALA C 184 20.64 -8.70 -15.32
CA ALA C 184 19.20 -8.93 -15.39
C ALA C 184 18.53 -8.71 -14.04
N GLU C 185 19.14 -9.19 -12.94
CA GLU C 185 18.59 -8.93 -11.62
C GLU C 185 18.46 -7.44 -11.34
N GLY C 186 19.55 -6.68 -11.58
CA GLY C 186 19.52 -5.24 -11.36
C GLY C 186 18.59 -4.50 -12.30
N TYR C 187 18.53 -4.94 -13.58
CA TYR C 187 17.67 -4.27 -14.55
C TYR C 187 16.20 -4.30 -14.14
N LYS C 188 15.71 -5.44 -13.64
CA LYS C 188 14.28 -5.50 -13.28
C LYS C 188 13.95 -4.56 -12.13
N ARG C 189 14.90 -4.34 -11.24
CA ARG C 189 14.70 -3.45 -10.12
C ARG C 189 15.01 -2.00 -10.45
N PHE C 190 15.70 -1.73 -11.55
CA PHE C 190 16.05 -0.34 -11.82
C PHE C 190 16.21 -0.23 -13.34
N ALA C 191 15.07 -0.18 -14.03
CA ALA C 191 15.05 -0.42 -15.45
C ALA C 191 15.50 0.78 -16.27
N THR C 192 15.78 1.91 -15.62
CA THR C 192 16.20 3.13 -16.29
C THR C 192 17.60 3.57 -15.87
N GLY C 193 18.27 2.80 -15.02
CA GLY C 193 19.65 3.07 -14.71
C GLY C 193 20.58 2.73 -15.86
N THR C 194 21.76 3.33 -15.83
CA THR C 194 22.78 3.05 -16.83
C THR C 194 23.72 2.01 -16.25
N TYR C 195 23.80 0.86 -16.93
CA TYR C 195 24.67 -0.25 -16.57
C TYR C 195 25.85 -0.27 -17.55
N ALA C 196 27.06 -0.35 -17.00
CA ALA C 196 28.29 -0.37 -17.79
C ALA C 196 29.10 -1.58 -17.37
N LEU C 197 29.21 -2.56 -18.25
CA LEU C 197 29.92 -3.79 -17.98
C LEU C 197 31.27 -3.74 -18.69
N TRP C 198 32.36 -3.93 -17.93
CA TRP C 198 33.67 -4.09 -18.56
C TRP C 198 33.91 -5.57 -18.82
N TYR C 199 34.51 -5.86 -19.97
CA TYR C 199 34.87 -7.22 -20.32
C TYR C 199 36.21 -7.23 -21.04
N PRO C 200 37.02 -8.25 -20.83
CA PRO C 200 38.27 -8.39 -21.60
C PRO C 200 38.08 -9.35 -22.77
N VAL C 201 38.87 -9.26 -23.84
CA VAL C 201 38.82 -10.26 -24.90
C VAL C 201 40.09 -11.09 -24.79
N VAL C 202 39.97 -12.31 -24.26
CA VAL C 202 41.07 -13.27 -24.29
C VAL C 202 40.76 -14.33 -25.33
N LEU C 203 39.88 -15.27 -25.00
CA LEU C 203 39.30 -16.15 -26.00
C LEU C 203 38.01 -15.52 -26.51
N ARG C 204 37.99 -15.16 -27.80
CA ARG C 204 36.83 -14.46 -28.35
C ARG C 204 35.55 -15.29 -28.25
N GLN C 205 35.67 -16.63 -28.33
CA GLN C 205 34.51 -17.50 -28.14
C GLN C 205 33.84 -17.22 -26.80
N GLN C 206 34.62 -16.89 -25.78
CA GLN C 206 34.03 -16.57 -24.49
C GLN C 206 33.18 -15.30 -24.56
N ILE C 207 33.62 -14.31 -25.35
CA ILE C 207 32.84 -13.09 -25.50
C ILE C 207 31.59 -13.33 -26.34
N LYS C 208 31.71 -14.11 -27.42
CA LYS C 208 30.53 -14.43 -28.23
C LYS C 208 29.46 -15.13 -27.40
N ARG C 209 29.88 -16.00 -26.46
CA ARG C 209 28.89 -16.67 -25.62
C ARG C 209 28.27 -15.69 -24.62
N MET C 210 29.10 -14.85 -23.99
CA MET C 210 28.58 -13.85 -23.07
C MET C 210 27.61 -12.92 -23.76
N ILE C 211 27.91 -12.52 -25.00
CA ILE C 211 26.99 -11.61 -25.67
C ILE C 211 25.73 -12.34 -26.12
N HIS C 212 25.83 -13.64 -26.41
CA HIS C 212 24.65 -14.44 -26.68
C HIS C 212 23.71 -14.46 -25.47
N ASP C 213 24.25 -14.67 -24.27
CA ASP C 213 23.40 -14.74 -23.07
C ASP C 213 22.79 -13.40 -22.71
N LEU C 214 23.48 -12.30 -23.03
CA LEU C 214 22.91 -10.97 -22.81
C LEU C 214 21.75 -10.72 -23.77
N GLU C 215 21.94 -11.06 -25.04
CA GLU C 215 20.84 -11.09 -26.00
C GLU C 215 19.71 -11.99 -25.52
N ALA C 216 20.02 -13.07 -24.81
CA ALA C 216 18.97 -14.00 -24.40
C ALA C 216 18.09 -13.42 -23.31
N THR C 217 18.56 -12.39 -22.61
CA THR C 217 17.73 -11.70 -21.62
C THR C 217 16.61 -10.92 -22.28
N GLY C 218 16.74 -10.60 -23.56
CA GLY C 218 15.76 -9.76 -24.22
C GLY C 218 15.90 -8.28 -23.92
N ILE C 219 16.74 -7.91 -22.95
CA ILE C 219 16.87 -6.51 -22.56
C ILE C 219 17.30 -5.66 -23.75
N ARG C 220 16.75 -4.44 -23.82
CA ARG C 220 16.92 -3.49 -24.91
C ARG C 220 17.99 -2.44 -24.58
N LYS C 221 18.46 -1.77 -25.64
CA LYS C 221 19.37 -0.62 -25.53
C LYS C 221 20.69 -1.04 -24.90
N ILE C 222 21.30 -2.04 -25.52
CA ILE C 222 22.61 -2.54 -25.13
C ILE C 222 23.60 -2.02 -26.16
N LEU C 223 24.56 -1.21 -25.73
CA LEU C 223 25.58 -0.66 -26.64
C LEU C 223 26.93 -1.31 -26.34
N GLN C 224 27.68 -1.63 -27.40
CA GLN C 224 28.98 -2.27 -27.24
C GLN C 224 30.08 -1.36 -27.78
N ILE C 225 31.07 -1.08 -26.95
CA ILE C 225 32.22 -0.27 -27.29
C ILE C 225 33.45 -1.15 -27.07
N GLU C 226 34.22 -1.40 -28.14
CA GLU C 226 35.33 -2.33 -27.99
C GLU C 226 36.58 -1.76 -28.64
N LEU C 227 37.71 -1.91 -27.96
CA LEU C 227 39.00 -1.45 -28.46
C LEU C 227 39.95 -2.63 -28.36
N ALA C 228 40.64 -2.89 -29.47
CA ALA C 228 41.51 -4.04 -29.63
C ALA C 228 42.89 -3.54 -30.04
N VAL C 229 43.90 -3.81 -29.18
CA VAL C 229 45.29 -3.43 -29.44
C VAL C 229 45.99 -4.45 -30.34
N LEU C 230 45.39 -5.62 -30.53
CA LEU C 230 45.84 -6.69 -31.41
C LEU C 230 44.61 -7.44 -31.88
N PRO C 231 44.69 -8.11 -33.02
CA PRO C 231 43.58 -8.98 -33.43
C PRO C 231 43.34 -10.07 -32.41
N ASP C 232 42.16 -10.69 -32.49
CA ASP C 232 41.93 -11.86 -31.65
C ASP C 232 43.01 -12.91 -31.92
N SER C 233 43.32 -13.69 -30.88
CA SER C 233 44.32 -14.74 -30.98
C SER C 233 43.98 -15.79 -29.93
N ASP C 234 44.63 -16.95 -30.05
CA ASP C 234 44.39 -18.04 -29.12
C ASP C 234 45.44 -18.14 -28.03
N ARG C 235 46.47 -17.26 -28.05
CA ARG C 235 47.66 -17.48 -27.23
C ARG C 235 48.26 -16.19 -26.66
N ARG C 236 47.64 -15.03 -26.84
CA ARG C 236 48.29 -13.77 -26.48
C ARG C 236 47.61 -13.06 -25.30
N GLY C 237 46.78 -13.76 -24.53
CA GLY C 237 46.16 -13.11 -23.39
C GLY C 237 45.15 -12.08 -23.86
N MET C 238 45.12 -10.93 -23.19
CA MET C 238 44.13 -9.92 -23.49
C MET C 238 44.60 -9.09 -24.69
N THR C 239 43.84 -9.17 -25.78
CA THR C 239 44.13 -8.42 -26.99
C THR C 239 43.20 -7.24 -27.19
N ALA C 240 42.17 -7.13 -26.36
CA ALA C 240 41.07 -6.18 -26.50
C ALA C 240 40.26 -6.19 -25.22
N SER C 241 39.65 -5.04 -24.90
CA SER C 241 38.64 -4.96 -23.87
C SER C 241 37.52 -4.09 -24.39
N GLY C 242 36.37 -4.14 -23.71
CA GLY C 242 35.23 -3.33 -24.11
C GLY C 242 34.34 -2.92 -22.96
N MET C 243 33.39 -2.06 -23.29
CA MET C 243 32.34 -1.62 -22.37
C MET C 243 31.00 -1.93 -23.01
N ILE C 244 30.17 -2.70 -22.31
CA ILE C 244 28.79 -2.94 -22.69
C ILE C 244 27.92 -2.03 -21.83
N VAL C 245 27.20 -1.09 -22.44
CA VAL C 245 26.44 -0.08 -21.71
C VAL C 245 24.96 -0.26 -22.00
N ILE C 246 24.20 -0.66 -20.99
CA ILE C 246 22.75 -0.74 -21.10
C ILE C 246 22.16 0.58 -20.66
N ASN C 247 21.30 1.16 -21.54
CA ASN C 247 20.70 2.48 -21.32
C ASN C 247 21.78 3.56 -21.40
N PRO C 248 22.58 3.60 -22.45
CA PRO C 248 23.59 4.64 -22.54
C PRO C 248 22.95 6.00 -22.61
N PRO C 249 23.56 7.03 -22.03
CA PRO C 249 23.08 8.38 -22.27
C PRO C 249 23.10 8.68 -23.75
N TRP C 250 22.21 9.57 -24.18
CA TRP C 250 21.96 9.75 -25.61
C TRP C 250 23.19 10.26 -26.37
N LYS C 251 24.12 10.96 -25.72
CA LYS C 251 25.34 11.40 -26.40
C LYS C 251 26.41 10.32 -26.51
N LEU C 252 26.29 9.21 -25.79
CA LEU C 252 27.45 8.32 -25.62
C LEU C 252 27.91 7.75 -26.95
N GLU C 253 26.97 7.31 -27.80
CA GLU C 253 27.34 6.68 -29.07
C GLU C 253 28.14 7.64 -29.95
N GLN C 254 27.68 8.89 -30.08
CA GLN C 254 28.43 9.87 -30.86
C GLN C 254 29.76 10.22 -30.22
N GLN C 255 29.78 10.39 -28.89
CA GLN C 255 31.03 10.73 -28.22
C GLN C 255 32.09 9.67 -28.51
N MET C 256 31.72 8.40 -28.47
CA MET C 256 32.70 7.35 -28.67
C MET C 256 33.07 7.19 -30.15
N ASN C 257 32.12 7.42 -31.05
CA ASN C 257 32.48 7.50 -32.46
C ASN C 257 33.48 8.63 -32.70
N ASN C 258 33.35 9.72 -31.95
CA ASN C 258 34.25 10.86 -32.14
C ASN C 258 35.65 10.55 -31.62
N VAL C 259 35.76 9.85 -30.49
CA VAL C 259 37.03 9.72 -29.77
C VAL C 259 37.70 8.36 -29.93
N LEU C 260 36.97 7.32 -30.35
CA LEU C 260 37.57 6.01 -30.47
C LEU C 260 38.69 5.92 -31.51
N PRO C 261 38.62 6.56 -32.68
CA PRO C 261 39.77 6.44 -33.61
C PRO C 261 41.01 7.12 -33.08
N TRP C 262 40.85 8.32 -32.50
CA TRP C 262 41.97 9.00 -31.85
C TRP C 262 42.57 8.16 -30.73
N LEU C 263 41.71 7.52 -29.93
CA LEU C 263 42.22 6.63 -28.89
C LEU C 263 43.07 5.53 -29.50
N HIS C 264 42.53 4.81 -30.47
CA HIS C 264 43.27 3.72 -31.09
C HIS C 264 44.56 4.23 -31.72
N SER C 265 44.50 5.38 -32.39
CA SER C 265 45.71 5.96 -32.96
C SER C 265 46.76 6.24 -31.89
N LYS C 266 46.36 6.76 -30.75
CA LYS C 266 47.35 7.05 -29.73
C LYS C 266 47.80 5.79 -29.00
N LEU C 267 46.89 4.83 -28.81
CA LEU C 267 47.22 3.65 -28.00
C LEU C 267 47.96 2.59 -28.78
N VAL C 268 47.71 2.49 -30.08
CA VAL C 268 48.27 1.44 -30.92
C VAL C 268 48.88 2.11 -32.15
N PRO C 269 50.09 2.69 -32.04
CA PRO C 269 50.70 3.35 -33.21
C PRO C 269 50.95 2.43 -34.41
N ALA C 270 51.00 1.10 -34.21
CA ALA C 270 51.14 0.20 -35.35
C ALA C 270 49.86 0.07 -36.15
N GLY C 271 48.72 0.51 -35.59
CA GLY C 271 47.45 0.36 -36.26
C GLY C 271 46.82 -1.01 -36.18
N THR C 272 47.34 -1.88 -35.31
CA THR C 272 46.80 -3.23 -35.21
C THR C 272 45.57 -3.25 -34.31
N GLY C 273 44.69 -4.22 -34.58
CA GLY C 273 43.42 -4.23 -33.88
C GLY C 273 42.38 -3.30 -34.48
N HIS C 274 41.48 -2.79 -33.64
CA HIS C 274 40.32 -2.09 -34.16
C HIS C 274 39.67 -1.32 -33.03
N ALA C 275 38.64 -0.55 -33.38
CA ALA C 275 37.90 0.23 -32.41
C ALA C 275 36.52 0.45 -33.00
N THR C 276 35.50 -0.12 -32.35
CA THR C 276 34.14 -0.12 -32.85
C THR C 276 33.17 0.29 -31.73
N VAL C 277 32.07 0.95 -32.15
CA VAL C 277 30.89 1.15 -31.32
C VAL C 277 29.68 0.65 -32.13
N SER C 278 28.85 -0.18 -31.50
CA SER C 278 27.78 -0.82 -32.24
C SER C 278 26.75 -1.35 -31.25
N TRP C 279 25.50 -1.38 -31.71
CA TRP C 279 24.40 -1.87 -30.86
C TRP C 279 24.40 -3.39 -30.86
N ILE C 280 24.55 -3.99 -29.67
CA ILE C 280 24.15 -5.38 -29.49
C ILE C 280 22.64 -5.51 -29.64
N VAL C 281 21.89 -4.71 -28.89
CA VAL C 281 20.41 -4.68 -28.96
C VAL C 281 19.98 -3.22 -28.91
N PRO C 282 19.39 -2.69 -29.98
CA PRO C 282 18.98 -1.27 -29.96
C PRO C 282 17.71 -1.06 -29.16
N GLU C 283 17.18 0.16 -29.17
CA GLU C 283 15.88 0.43 -28.55
C GLU C 283 14.75 -0.36 -29.22
N SER D 6 -29.95 19.15 2.22
CA SER D 6 -29.03 18.15 2.76
C SER D 6 -29.78 17.04 3.51
N TYR D 7 -29.06 15.99 3.88
CA TYR D 7 -29.64 14.92 4.69
C TYR D 7 -29.91 15.41 6.11
N ARG D 8 -30.94 14.82 6.72
CA ARG D 8 -31.32 15.18 8.08
C ARG D 8 -30.22 14.82 9.07
N HIS D 9 -29.94 15.74 10.00
CA HIS D 9 -29.13 15.45 11.18
C HIS D 9 -30.04 14.97 12.31
N SER D 10 -29.47 14.23 13.25
CA SER D 10 -30.22 13.81 14.43
C SER D 10 -29.26 13.50 15.56
N PHE D 11 -29.41 14.19 16.68
CA PHE D 11 -28.50 13.97 17.79
C PHE D 11 -28.56 12.55 18.32
N HIS D 12 -29.72 11.89 18.21
CA HIS D 12 -29.86 10.57 18.81
C HIS D 12 -29.63 9.42 17.83
N ALA D 13 -29.43 9.69 16.55
CA ALA D 13 -29.32 8.60 15.58
C ALA D 13 -28.08 7.75 15.87
N GLY D 14 -28.24 6.44 15.76
CA GLY D 14 -27.13 5.57 16.06
C GLY D 14 -26.90 5.33 17.54
N ASN D 15 -27.87 5.67 18.39
CA ASN D 15 -27.72 5.40 19.81
C ASN D 15 -27.87 3.90 20.07
N HIS D 16 -27.73 3.53 21.34
CA HIS D 16 -27.87 2.14 21.74
C HIS D 16 -29.24 1.57 21.36
N ALA D 17 -30.26 2.42 21.32
CA ALA D 17 -31.61 1.95 20.94
C ALA D 17 -31.69 1.65 19.46
N ASP D 18 -31.05 2.50 18.63
CA ASP D 18 -30.99 2.20 17.20
C ASP D 18 -30.21 0.91 16.96
N VAL D 19 -29.07 0.74 17.66
CA VAL D 19 -28.25 -0.47 17.51
C VAL D 19 -29.10 -1.72 17.78
N LEU D 20 -29.75 -1.78 18.94
CA LEU D 20 -30.61 -2.92 19.20
C LEU D 20 -31.65 -3.07 18.10
N LYS D 21 -32.33 -1.97 17.78
CA LYS D 21 -33.43 -2.03 16.80
C LYS D 21 -32.94 -2.57 15.45
N HIS D 22 -31.89 -1.97 14.90
CA HIS D 22 -31.49 -2.36 13.57
C HIS D 22 -30.80 -3.72 13.56
N THR D 23 -30.15 -4.09 14.67
CA THR D 23 -29.62 -5.45 14.79
C THR D 23 -30.72 -6.48 14.61
N VAL D 24 -31.84 -6.32 15.33
CA VAL D 24 -32.91 -7.31 15.27
C VAL D 24 -33.56 -7.31 13.90
N GLN D 25 -33.73 -6.12 13.32
CA GLN D 25 -34.34 -6.02 12.01
C GLN D 25 -33.48 -6.72 10.95
N SER D 26 -32.18 -6.46 10.97
CA SER D 26 -31.30 -7.14 10.01
C SER D 26 -31.39 -8.66 10.14
N LEU D 27 -31.44 -9.16 11.38
CA LEU D 27 -31.47 -10.61 11.60
C LEU D 27 -32.75 -11.23 11.08
N ILE D 28 -33.89 -10.60 11.33
CA ILE D 28 -35.15 -11.08 10.79
C ILE D 28 -35.11 -11.08 9.26
N ILE D 29 -34.58 -10.00 8.67
CA ILE D 29 -34.53 -9.90 7.21
C ILE D 29 -33.70 -11.04 6.61
N GLU D 30 -32.61 -11.43 7.28
CA GLU D 30 -31.74 -12.47 6.75
C GLU D 30 -32.40 -13.84 6.88
N SER D 31 -33.16 -14.04 7.97
CA SER D 31 -33.94 -15.26 8.10
C SER D 31 -35.00 -15.35 7.01
N LEU D 32 -35.65 -14.22 6.70
CA LEU D 32 -36.64 -14.21 5.63
C LEU D 32 -36.01 -14.51 4.27
N LYS D 33 -34.79 -14.01 4.03
CA LYS D 33 -34.15 -14.28 2.74
C LYS D 33 -33.73 -15.72 2.56
N GLU D 34 -33.93 -16.59 3.54
CA GLU D 34 -33.54 -17.99 3.37
C GLU D 34 -34.45 -18.72 2.37
N LYS D 35 -35.68 -18.26 2.20
CA LYS D 35 -36.58 -18.78 1.18
C LYS D 35 -36.57 -17.85 -0.03
N ASP D 36 -36.59 -18.46 -1.23
CA ASP D 36 -36.58 -17.69 -2.47
C ASP D 36 -37.80 -16.80 -2.60
N LYS D 37 -38.95 -17.23 -2.09
CA LYS D 37 -40.20 -16.52 -2.29
C LYS D 37 -40.07 -15.05 -1.88
N PRO D 38 -40.73 -14.14 -2.59
CA PRO D 38 -40.65 -12.72 -2.23
C PRO D 38 -41.25 -12.45 -0.86
N PHE D 39 -40.86 -11.33 -0.28
CA PHE D 39 -41.51 -10.88 0.93
C PHE D 39 -41.56 -9.35 0.94
N LEU D 40 -42.33 -8.83 1.89
CA LEU D 40 -42.60 -7.42 2.06
C LEU D 40 -41.89 -6.89 3.30
N TYR D 41 -41.25 -5.74 3.19
CA TYR D 41 -40.79 -4.99 4.35
C TYR D 41 -41.72 -3.78 4.49
N LEU D 42 -42.37 -3.69 5.66
CA LEU D 42 -43.36 -2.64 5.92
C LEU D 42 -42.89 -1.84 7.13
N ASP D 43 -42.72 -0.54 6.92
CA ASP D 43 -42.13 0.35 7.92
C ASP D 43 -43.17 1.40 8.26
N THR D 44 -43.95 1.14 9.31
CA THR D 44 -45.06 2.04 9.63
C THR D 44 -44.57 3.44 9.93
N HIS D 45 -43.45 3.58 10.62
CA HIS D 45 -42.91 4.90 10.99
C HIS D 45 -41.45 4.99 10.56
N ALA D 46 -41.23 5.35 9.30
CA ALA D 46 -39.96 5.14 8.61
C ALA D 46 -38.94 6.24 8.82
N GLY D 47 -39.36 7.46 9.17
CA GLY D 47 -38.42 8.54 9.37
C GLY D 47 -37.78 9.02 8.06
N ALA D 48 -36.70 9.81 8.21
CA ALA D 48 -36.07 10.42 7.04
C ALA D 48 -35.35 9.41 6.16
N GLY D 49 -34.79 8.35 6.73
CA GLY D 49 -34.11 7.33 5.94
C GLY D 49 -32.65 7.13 6.27
N ARG D 50 -31.88 8.23 6.34
CA ARG D 50 -30.50 8.20 6.82
C ARG D 50 -30.23 9.49 7.58
N TYR D 51 -29.20 9.47 8.42
CA TYR D 51 -28.91 10.61 9.28
C TYR D 51 -27.42 10.96 9.19
N GLN D 52 -27.12 12.24 8.97
CA GLN D 52 -25.77 12.74 9.07
C GLN D 52 -25.39 12.91 10.54
N LEU D 53 -24.29 12.31 10.94
CA LEU D 53 -23.87 12.34 12.31
C LEU D 53 -23.06 13.60 12.60
N GLY D 54 -23.25 14.15 13.80
CA GLY D 54 -22.51 15.32 14.23
C GLY D 54 -23.18 16.60 13.82
N SER D 55 -22.55 17.71 14.20
CA SER D 55 -23.05 19.04 13.88
C SER D 55 -23.02 19.29 12.38
N THR D 61 -19.85 14.95 17.97
CA THR D 61 -20.88 15.06 18.99
C THR D 61 -22.11 14.23 18.62
N GLY D 62 -22.82 13.72 19.62
CA GLY D 62 -24.02 12.94 19.37
C GLY D 62 -24.01 11.56 19.98
N LYS D 63 -25.20 10.98 20.18
CA LYS D 63 -25.32 9.70 20.87
C LYS D 63 -24.68 8.55 20.08
N TYR D 64 -24.46 8.71 18.78
CA TYR D 64 -23.82 7.62 18.06
C TYR D 64 -22.46 7.28 18.66
N LEU D 65 -21.83 8.25 19.35
CA LEU D 65 -20.53 8.00 19.97
C LEU D 65 -20.64 6.97 21.10
N GLU D 66 -21.81 6.85 21.69
CA GLU D 66 -22.07 5.82 22.70
C GLU D 66 -22.79 4.60 22.13
N GLY D 67 -23.15 4.61 20.85
CA GLY D 67 -23.86 3.51 20.24
C GLY D 67 -23.09 2.82 19.11
N ILE D 68 -23.42 3.13 17.86
CA ILE D 68 -22.85 2.43 16.71
C ILE D 68 -21.33 2.55 16.68
N ALA D 69 -20.79 3.68 17.14
CA ALA D 69 -19.34 3.89 17.08
C ALA D 69 -18.59 2.88 17.93
N ARG D 70 -19.20 2.42 19.04
CA ARG D 70 -18.49 1.52 19.93
C ARG D 70 -18.41 0.09 19.41
N ILE D 71 -19.11 -0.22 18.32
CA ILE D 71 -19.17 -1.60 17.88
C ILE D 71 -18.73 -1.77 16.43
N TRP D 72 -18.88 -0.73 15.60
CA TRP D 72 -18.81 -0.99 14.16
C TRP D 72 -17.40 -1.30 13.65
N GLN D 73 -16.34 -1.08 14.44
CA GLN D 73 -15.00 -1.48 14.01
C GLN D 73 -14.33 -2.44 14.97
N GLN D 74 -15.08 -3.11 15.83
CA GLN D 74 -14.50 -4.08 16.75
C GLN D 74 -14.01 -5.31 16.00
N ASP D 75 -12.79 -5.76 16.32
CA ASP D 75 -12.20 -6.88 15.59
C ASP D 75 -12.87 -8.20 15.94
N ASP D 76 -13.54 -8.27 17.09
CA ASP D 76 -14.25 -9.47 17.50
C ASP D 76 -15.76 -9.35 17.28
N LEU D 77 -16.18 -8.53 16.31
CA LEU D 77 -17.58 -8.37 15.98
C LEU D 77 -18.27 -9.73 15.83
N PRO D 78 -19.27 -10.03 16.65
CA PRO D 78 -19.96 -11.32 16.53
C PRO D 78 -20.58 -11.44 15.15
N ALA D 79 -20.63 -12.67 14.64
CA ALA D 79 -21.12 -12.90 13.28
C ALA D 79 -22.57 -12.44 13.12
N GLU D 80 -23.35 -12.39 14.23
CA GLU D 80 -24.75 -12.01 14.12
C GLU D 80 -24.93 -10.56 13.71
N LEU D 81 -23.88 -9.74 13.84
CA LEU D 81 -23.91 -8.31 13.55
C LEU D 81 -23.34 -7.95 12.19
N GLU D 82 -22.75 -8.90 11.48
CA GLU D 82 -22.05 -8.60 10.23
C GLU D 82 -23.00 -7.98 9.20
N ALA D 83 -24.19 -8.56 9.04
CA ALA D 83 -25.09 -8.05 8.01
C ALA D 83 -25.52 -6.62 8.31
N TYR D 84 -25.72 -6.30 9.59
CA TYR D 84 -26.07 -4.94 9.98
C TYR D 84 -24.85 -4.01 9.83
N ILE D 85 -23.71 -4.44 10.32
CA ILE D 85 -22.51 -3.61 10.24
C ILE D 85 -22.07 -3.42 8.79
N ASN D 86 -22.28 -4.41 7.93
CA ASN D 86 -21.88 -4.22 6.55
C ASN D 86 -22.75 -3.20 5.84
N VAL D 87 -23.96 -2.95 6.35
CA VAL D 87 -24.75 -1.88 5.77
C VAL D 87 -24.22 -0.54 6.23
N VAL D 88 -23.82 -0.45 7.50
CA VAL D 88 -23.27 0.81 8.00
C VAL D 88 -21.96 1.14 7.30
N LYS D 89 -21.17 0.10 6.99
CA LYS D 89 -19.94 0.28 6.22
C LYS D 89 -20.25 0.73 4.80
N HIS D 90 -21.30 0.15 4.20
CA HIS D 90 -21.74 0.53 2.86
C HIS D 90 -21.93 2.05 2.74
N PHE D 91 -22.43 2.69 3.80
CA PHE D 91 -22.68 4.12 3.76
C PHE D 91 -21.54 4.96 4.30
N ASN D 92 -20.48 4.32 4.81
CA ASN D 92 -19.30 5.01 5.34
C ASN D 92 -18.05 4.35 4.77
N ARG D 93 -17.72 4.67 3.51
CA ARG D 93 -16.65 3.95 2.82
C ARG D 93 -15.27 4.34 3.34
N SER D 94 -15.08 5.61 3.68
CA SER D 94 -13.79 6.11 4.12
C SER D 94 -13.31 5.49 5.44
N GLY D 95 -14.06 4.58 6.06
CA GLY D 95 -13.71 4.19 7.40
C GLY D 95 -13.95 5.24 8.46
N GLN D 96 -14.56 6.37 8.11
CA GLN D 96 -15.00 7.34 9.10
C GLN D 96 -16.51 7.34 9.18
N LEU D 97 -17.01 7.45 10.42
CA LEU D 97 -18.43 7.30 10.73
C LEU D 97 -19.12 8.65 10.50
N ARG D 98 -19.79 8.78 9.38
CA ARG D 98 -20.43 10.04 9.02
C ARG D 98 -21.94 9.92 8.87
N TYR D 99 -22.44 8.80 8.34
CA TYR D 99 -23.85 8.63 8.03
C TYR D 99 -24.36 7.37 8.70
N TYR D 100 -25.50 7.48 9.36
CA TYR D 100 -26.13 6.33 9.97
C TYR D 100 -27.39 5.99 9.19
N PRO D 101 -27.52 4.79 8.67
CA PRO D 101 -28.73 4.44 7.92
C PRO D 101 -29.86 4.12 8.88
N GLY D 102 -31.05 4.60 8.54
CA GLY D 102 -32.25 4.22 9.25
C GLY D 102 -32.78 2.88 8.76
N SER D 103 -33.83 2.40 9.44
CA SER D 103 -34.41 1.13 9.05
C SER D 103 -34.85 1.04 7.57
N PRO D 104 -35.34 2.11 6.92
CA PRO D 104 -35.64 1.96 5.47
C PRO D 104 -34.42 1.58 4.65
N LEU D 105 -33.25 2.11 5.00
CA LEU D 105 -32.02 1.82 4.25
C LEU D 105 -31.40 0.50 4.67
N ILE D 106 -31.62 0.08 5.92
CA ILE D 106 -31.26 -1.28 6.28
C ILE D 106 -31.99 -2.26 5.36
N ALA D 107 -33.29 -2.04 5.17
CA ALA D 107 -34.09 -2.89 4.31
C ALA D 107 -33.69 -2.73 2.84
N ARG D 108 -33.54 -1.49 2.37
CA ARG D 108 -33.21 -1.28 0.97
C ARG D 108 -31.95 -2.04 0.57
N GLN D 109 -30.93 -2.01 1.41
CA GLN D 109 -29.69 -2.69 1.07
C GLN D 109 -29.77 -4.20 1.28
N LEU D 110 -30.52 -4.68 2.25
CA LEU D 110 -30.57 -6.11 2.50
C LEU D 110 -31.57 -6.84 1.62
N LEU D 111 -32.68 -6.19 1.24
CA LEU D 111 -33.73 -6.87 0.47
C LEU D 111 -33.24 -7.25 -0.93
N ARG D 112 -33.79 -8.35 -1.44
CA ARG D 112 -33.40 -8.88 -2.73
C ARG D 112 -34.20 -8.20 -3.85
N GLU D 113 -33.94 -8.61 -5.09
CA GLU D 113 -34.61 -7.98 -6.20
C GLU D 113 -36.09 -8.35 -6.25
N GLN D 114 -36.45 -9.57 -5.82
CA GLN D 114 -37.85 -9.99 -5.85
C GLN D 114 -38.68 -9.40 -4.71
N ASP D 115 -38.06 -8.77 -3.72
CA ASP D 115 -38.74 -8.38 -2.49
C ASP D 115 -39.36 -6.98 -2.60
N SER D 116 -40.23 -6.66 -1.65
CA SER D 116 -41.00 -5.44 -1.71
C SER D 116 -40.77 -4.58 -0.47
N LEU D 117 -40.90 -3.27 -0.61
CA LEU D 117 -40.80 -2.36 0.51
C LEU D 117 -41.98 -1.40 0.52
N GLN D 118 -42.49 -1.12 1.71
CA GLN D 118 -43.54 -0.12 1.85
C GLN D 118 -43.24 0.73 3.07
N LEU D 119 -42.99 2.01 2.84
CA LEU D 119 -42.52 2.92 3.87
C LEU D 119 -43.50 4.08 4.03
N THR D 120 -43.79 4.44 5.26
CA THR D 120 -44.65 5.57 5.53
C THR D 120 -44.04 6.44 6.61
N GLU D 121 -44.17 7.75 6.42
CA GLU D 121 -43.70 8.74 7.36
C GLU D 121 -44.65 9.92 7.27
N LEU D 122 -45.17 10.33 8.42
CA LEU D 122 -46.20 11.36 8.44
C LEU D 122 -45.61 12.78 8.46
N HIS D 123 -44.52 12.98 9.17
CA HIS D 123 -44.02 14.32 9.41
C HIS D 123 -43.52 14.94 8.11
N PRO D 124 -43.95 16.16 7.77
CA PRO D 124 -43.74 16.68 6.40
C PRO D 124 -42.34 17.19 6.12
N SER D 125 -41.45 17.28 7.11
CA SER D 125 -40.06 17.59 6.81
C SER D 125 -39.23 16.35 6.53
N ASP D 126 -39.58 15.20 7.10
CA ASP D 126 -38.85 13.97 6.82
C ASP D 126 -39.41 13.20 5.62
N TYR D 127 -40.70 13.38 5.30
CA TYR D 127 -41.27 12.64 4.17
C TYR D 127 -40.54 12.89 2.85
N PRO D 128 -40.24 14.12 2.44
CA PRO D 128 -39.51 14.29 1.16
C PRO D 128 -38.16 13.58 1.15
N LEU D 129 -37.41 13.65 2.26
CA LEU D 129 -36.12 12.95 2.32
C LEU D 129 -36.29 11.46 2.10
N LEU D 130 -37.24 10.86 2.82
CA LEU D 130 -37.53 9.44 2.62
C LEU D 130 -37.87 9.13 1.18
N ARG D 131 -38.73 9.97 0.57
CA ARG D 131 -39.11 9.82 -0.82
C ARG D 131 -37.89 9.73 -1.74
N SER D 132 -36.99 10.70 -1.63
CA SER D 132 -35.83 10.70 -2.51
C SER D 132 -34.91 9.52 -2.24
N GLU D 133 -35.02 8.86 -1.07
CA GLU D 133 -34.17 7.70 -0.81
C GLU D 133 -34.54 6.52 -1.70
N PHE D 134 -35.79 6.43 -2.14
CA PHE D 134 -36.25 5.30 -2.94
C PHE D 134 -36.69 5.73 -4.33
N GLN D 135 -36.32 6.94 -4.77
CA GLN D 135 -36.78 7.41 -6.07
C GLN D 135 -36.13 6.67 -7.22
N LYS D 136 -35.11 5.84 -6.96
CA LYS D 136 -34.58 4.90 -7.94
C LYS D 136 -34.84 3.44 -7.56
N ASP D 137 -35.70 3.18 -6.58
CA ASP D 137 -35.97 1.81 -6.13
C ASP D 137 -37.39 1.41 -6.53
N SER D 138 -37.52 0.67 -7.63
CA SER D 138 -38.84 0.32 -8.12
C SER D 138 -39.53 -0.74 -7.25
N ARG D 139 -38.80 -1.39 -6.33
CA ARG D 139 -39.41 -2.28 -5.36
C ARG D 139 -40.20 -1.54 -4.27
N ALA D 140 -39.99 -0.24 -4.10
CA ALA D 140 -40.45 0.48 -2.93
C ALA D 140 -41.59 1.44 -3.23
N ARG D 141 -42.50 1.58 -2.26
CA ARG D 141 -43.53 2.60 -2.28
C ARG D 141 -43.40 3.42 -1.00
N VAL D 142 -43.46 4.74 -1.13
CA VAL D 142 -43.35 5.67 0.00
C VAL D 142 -44.67 6.43 0.11
N GLU D 143 -45.14 6.65 1.34
CA GLU D 143 -46.39 7.36 1.54
C GLU D 143 -46.33 8.31 2.73
N LYS D 144 -46.95 9.47 2.58
CA LYS D 144 -47.17 10.39 3.70
C LYS D 144 -48.51 9.99 4.31
N ALA D 145 -48.46 9.17 5.37
CA ALA D 145 -49.71 8.66 5.94
C ALA D 145 -49.45 8.16 7.36
N ASP D 146 -50.55 8.00 8.10
CA ASP D 146 -50.47 7.44 9.46
C ASP D 146 -49.97 6.01 9.41
N GLY D 147 -48.91 5.71 10.15
CA GLY D 147 -48.36 4.36 10.14
C GLY D 147 -49.33 3.30 10.61
N PHE D 148 -50.14 3.61 11.63
CA PHE D 148 -51.03 2.59 12.17
C PHE D 148 -52.11 2.18 11.18
N GLN D 149 -52.58 3.10 10.34
CA GLN D 149 -53.54 2.73 9.31
C GLN D 149 -52.93 1.75 8.31
N GLN D 150 -51.60 1.75 8.15
CA GLN D 150 -50.98 0.83 7.20
C GLN D 150 -51.08 -0.62 7.66
N LEU D 151 -51.12 -0.85 8.98
CA LEU D 151 -51.37 -2.21 9.47
C LEU D 151 -52.73 -2.75 9.03
N LYS D 152 -53.62 -1.89 8.53
CA LYS D 152 -54.85 -2.28 7.87
C LYS D 152 -54.76 -2.18 6.36
N ALA D 153 -54.18 -1.10 5.84
CA ALA D 153 -54.26 -0.86 4.40
C ALA D 153 -53.36 -1.83 3.62
N LYS D 154 -52.20 -2.18 4.16
CA LYS D 154 -51.19 -2.89 3.38
C LYS D 154 -50.99 -4.33 3.81
N LEU D 155 -51.80 -4.83 4.73
CA LEU D 155 -51.69 -6.21 5.14
C LEU D 155 -52.99 -6.94 4.82
N PRO D 156 -52.92 -8.19 4.33
CA PRO D 156 -51.70 -8.97 4.13
C PRO D 156 -50.93 -8.59 2.85
N PRO D 157 -49.64 -8.91 2.79
CA PRO D 157 -48.91 -8.70 1.52
C PRO D 157 -49.35 -9.71 0.49
N VAL D 158 -49.29 -9.31 -0.78
CA VAL D 158 -49.62 -10.25 -1.85
C VAL D 158 -48.69 -11.46 -1.79
N SER D 159 -47.44 -11.25 -1.40
CA SER D 159 -46.49 -12.35 -1.27
C SER D 159 -46.78 -13.23 -0.06
N ARG D 160 -47.61 -12.78 0.86
CA ARG D 160 -47.94 -13.53 2.06
C ARG D 160 -46.70 -13.82 2.91
N ARG D 161 -45.63 -13.02 2.74
CA ARG D 161 -44.51 -13.06 3.66
C ARG D 161 -44.12 -11.62 4.01
N GLY D 162 -43.65 -11.39 5.22
CA GLY D 162 -43.31 -10.02 5.54
C GLY D 162 -42.64 -9.85 6.88
N LEU D 163 -41.92 -8.75 7.00
CA LEU D 163 -41.56 -8.17 8.28
C LEU D 163 -42.21 -6.80 8.38
N ILE D 164 -42.92 -6.57 9.48
CA ILE D 164 -43.54 -5.29 9.76
C ILE D 164 -42.80 -4.68 10.96
N LEU D 165 -42.15 -3.52 10.74
CA LEU D 165 -41.49 -2.82 11.83
C LEU D 165 -42.39 -1.69 12.31
N ILE D 166 -42.67 -1.65 13.59
CA ILE D 166 -43.51 -0.59 14.16
C ILE D 166 -42.62 0.22 15.10
N ASP D 167 -42.38 1.47 14.74
CA ASP D 167 -41.32 2.28 15.35
C ASP D 167 -41.80 3.71 15.54
N PRO D 168 -42.95 3.90 16.21
CA PRO D 168 -43.57 5.24 16.30
C PRO D 168 -42.81 6.13 17.28
N PRO D 169 -43.08 7.44 17.28
CA PRO D 169 -42.22 8.35 18.06
C PRO D 169 -42.37 8.21 19.55
N TYR D 170 -43.53 7.75 20.04
CA TYR D 170 -43.87 7.73 21.46
C TYR D 170 -43.81 9.12 22.06
N GLU D 171 -43.82 10.16 21.21
CA GLU D 171 -43.99 11.53 21.69
C GLU D 171 -45.36 11.68 22.30
N MET D 172 -46.38 11.18 21.63
CA MET D 172 -47.74 11.15 22.16
C MET D 172 -47.89 9.93 23.06
N LYS D 173 -48.25 10.19 24.33
CA LYS D 173 -48.55 9.17 25.33
C LYS D 173 -49.38 8.01 24.77
N THR D 174 -50.29 8.31 23.84
CA THR D 174 -51.22 7.32 23.31
C THR D 174 -50.56 6.31 22.38
N ASP D 175 -49.28 6.47 22.06
CA ASP D 175 -48.62 5.48 21.21
C ASP D 175 -48.64 4.10 21.87
N TYR D 176 -48.53 4.05 23.20
CA TYR D 176 -48.45 2.76 23.88
C TYR D 176 -49.71 1.93 23.68
N GLN D 177 -50.88 2.57 23.52
CA GLN D 177 -52.09 1.82 23.21
C GLN D 177 -52.20 1.55 21.72
N ALA D 178 -51.86 2.55 20.90
CA ALA D 178 -52.05 2.45 19.46
C ALA D 178 -51.14 1.39 18.84
N VAL D 179 -49.97 1.12 19.43
CA VAL D 179 -49.13 0.07 18.88
C VAL D 179 -49.76 -1.29 19.11
N VAL D 180 -50.43 -1.50 20.25
CA VAL D 180 -51.03 -2.81 20.53
C VAL D 180 -52.26 -3.02 19.68
N SER D 181 -53.16 -2.02 19.62
CA SER D 181 -54.35 -2.14 18.78
C SER D 181 -53.98 -2.22 17.31
N GLY D 182 -52.96 -1.47 16.87
CA GLY D 182 -52.55 -1.56 15.47
C GLY D 182 -51.98 -2.92 15.13
N ILE D 183 -51.07 -3.42 15.97
CA ILE D 183 -50.56 -4.77 15.80
C ILE D 183 -51.69 -5.78 15.82
N ALA D 184 -52.68 -5.60 16.72
CA ALA D 184 -53.79 -6.55 16.77
C ALA D 184 -54.56 -6.56 15.45
N GLU D 185 -54.84 -5.39 14.89
CA GLU D 185 -55.53 -5.35 13.60
C GLU D 185 -54.68 -5.95 12.50
N GLY D 186 -53.39 -5.60 12.46
CA GLY D 186 -52.52 -6.17 11.46
C GLY D 186 -52.45 -7.69 11.56
N TYR D 187 -52.35 -8.19 12.80
CA TYR D 187 -52.30 -9.62 13.02
C TYR D 187 -53.56 -10.31 12.53
N LYS D 188 -54.71 -9.65 12.67
CA LYS D 188 -55.94 -10.31 12.26
C LYS D 188 -56.09 -10.37 10.74
N ARG D 189 -55.33 -9.58 9.99
CA ARG D 189 -55.27 -9.70 8.54
C ARG D 189 -54.12 -10.57 8.05
N PHE D 190 -53.19 -10.95 8.92
CA PHE D 190 -51.92 -11.53 8.51
C PHE D 190 -51.25 -12.14 9.73
N ALA D 191 -51.81 -13.25 10.23
CA ALA D 191 -51.36 -13.88 11.47
C ALA D 191 -50.01 -14.57 11.36
N THR D 192 -49.44 -14.67 10.16
CA THR D 192 -48.15 -15.33 9.95
C THR D 192 -47.00 -14.35 9.73
N GLY D 193 -47.28 -13.06 9.58
CA GLY D 193 -46.21 -12.09 9.47
C GLY D 193 -45.39 -11.99 10.73
N THR D 194 -44.16 -11.49 10.56
CA THR D 194 -43.31 -11.17 11.70
C THR D 194 -43.49 -9.69 12.02
N TYR D 195 -43.92 -9.39 13.24
CA TYR D 195 -44.14 -8.02 13.68
C TYR D 195 -43.02 -7.66 14.64
N ALA D 196 -42.34 -6.56 14.38
CA ALA D 196 -41.24 -6.12 15.23
C ALA D 196 -41.56 -4.72 15.72
N LEU D 197 -41.69 -4.57 17.04
CA LEU D 197 -42.12 -3.34 17.68
C LEU D 197 -41.00 -2.86 18.58
N TRP D 198 -40.53 -1.65 18.35
CA TRP D 198 -39.55 -1.01 19.22
C TRP D 198 -40.27 -0.18 20.27
N TYR D 199 -39.72 -0.14 21.48
CA TYR D 199 -40.32 0.70 22.50
C TYR D 199 -39.21 1.26 23.38
N PRO D 200 -39.40 2.46 23.92
CA PRO D 200 -38.50 2.94 24.98
C PRO D 200 -39.03 2.64 26.36
N VAL D 201 -38.10 2.47 27.29
CA VAL D 201 -38.41 2.45 28.71
C VAL D 201 -38.07 3.82 29.27
N VAL D 202 -39.07 4.69 29.34
CA VAL D 202 -39.01 5.90 30.15
C VAL D 202 -39.59 5.57 31.53
N LEU D 203 -40.84 5.10 31.54
CA LEU D 203 -41.52 4.71 32.77
C LEU D 203 -41.95 3.24 32.66
N ARG D 204 -41.38 2.40 33.53
CA ARG D 204 -41.61 0.95 33.47
C ARG D 204 -43.09 0.61 33.51
N GLN D 205 -43.85 1.31 34.37
CA GLN D 205 -45.27 1.02 34.52
C GLN D 205 -45.99 1.07 33.20
N GLN D 206 -45.65 2.05 32.36
CA GLN D 206 -46.31 2.12 31.07
C GLN D 206 -45.93 0.93 30.20
N ILE D 207 -44.72 0.41 30.36
CA ILE D 207 -44.32 -0.77 29.59
C ILE D 207 -45.08 -2.00 30.09
N LYS D 208 -45.22 -2.13 31.41
CA LYS D 208 -45.98 -3.27 31.93
C LYS D 208 -47.40 -3.25 31.39
N ARG D 209 -47.99 -2.07 31.26
CA ARG D 209 -49.36 -1.95 30.76
C ARG D 209 -49.47 -2.36 29.31
N MET D 210 -48.49 -1.97 28.49
CA MET D 210 -48.51 -2.35 27.09
C MET D 210 -48.39 -3.86 26.94
N ILE D 211 -47.51 -4.47 27.70
CA ILE D 211 -47.33 -5.90 27.60
C ILE D 211 -48.59 -6.63 28.07
N HIS D 212 -49.24 -6.12 29.12
CA HIS D 212 -50.52 -6.72 29.51
C HIS D 212 -51.55 -6.57 28.39
N ASP D 213 -51.60 -5.41 27.74
CA ASP D 213 -52.41 -5.22 26.53
C ASP D 213 -52.11 -6.31 25.50
N LEU D 214 -50.82 -6.53 25.23
CA LEU D 214 -50.39 -7.50 24.23
C LEU D 214 -50.82 -8.92 24.60
N GLU D 215 -50.75 -9.26 25.88
CA GLU D 215 -51.25 -10.56 26.32
C GLU D 215 -52.75 -10.66 26.07
N ALA D 216 -53.49 -9.59 26.37
CA ALA D 216 -54.94 -9.62 26.25
C ALA D 216 -55.40 -9.82 24.81
N THR D 217 -54.56 -9.49 23.81
CA THR D 217 -54.94 -9.77 22.42
C THR D 217 -55.12 -11.25 22.17
N GLY D 218 -54.46 -12.09 22.95
CA GLY D 218 -54.45 -13.52 22.70
C GLY D 218 -53.44 -13.97 21.65
N ILE D 219 -52.59 -13.08 21.16
CA ILE D 219 -51.61 -13.46 20.15
C ILE D 219 -50.53 -14.31 20.80
N ARG D 220 -50.17 -15.40 20.15
CA ARG D 220 -49.11 -16.26 20.65
C ARG D 220 -47.79 -15.90 19.98
N LYS D 221 -46.71 -16.49 20.50
CA LYS D 221 -45.36 -16.39 19.92
C LYS D 221 -44.84 -14.96 19.97
N ILE D 222 -44.81 -14.40 21.18
CA ILE D 222 -44.38 -13.02 21.40
C ILE D 222 -43.07 -13.07 22.18
N LEU D 223 -41.99 -12.66 21.54
CA LEU D 223 -40.63 -12.66 22.10
C LEU D 223 -40.21 -11.25 22.46
N GLN D 224 -39.52 -11.10 23.59
CA GLN D 224 -39.13 -9.78 24.11
C GLN D 224 -37.61 -9.68 24.19
N ILE D 225 -37.08 -8.57 23.72
CA ILE D 225 -35.65 -8.33 23.68
C ILE D 225 -35.39 -6.93 24.23
N GLU D 226 -34.68 -6.83 25.34
CA GLU D 226 -34.52 -5.53 25.97
C GLU D 226 -33.08 -5.33 26.40
N LEU D 227 -32.54 -4.15 26.11
CA LEU D 227 -31.19 -3.77 26.54
C LEU D 227 -31.29 -2.45 27.30
N ALA D 228 -30.80 -2.47 28.54
CA ALA D 228 -30.92 -1.31 29.42
C ALA D 228 -29.54 -0.78 29.74
N VAL D 229 -29.34 0.52 29.56
CA VAL D 229 -28.07 1.14 29.91
C VAL D 229 -28.06 1.54 31.38
N LEU D 230 -29.23 1.60 32.01
CA LEU D 230 -29.42 2.06 33.38
C LEU D 230 -30.58 1.30 33.99
N PRO D 231 -30.61 1.14 35.32
CA PRO D 231 -31.80 0.56 35.97
C PRO D 231 -32.99 1.47 35.79
N ASP D 232 -34.19 0.87 35.77
CA ASP D 232 -35.41 1.66 35.59
C ASP D 232 -35.36 2.86 36.53
N SER D 233 -35.96 3.96 36.09
CA SER D 233 -35.77 5.23 36.77
C SER D 233 -37.07 6.00 36.82
N ASP D 234 -37.25 6.75 37.92
CA ASP D 234 -38.38 7.67 38.05
C ASP D 234 -38.17 8.92 37.20
N ARG D 235 -36.91 9.33 36.97
CA ARG D 235 -36.63 10.50 36.16
C ARG D 235 -35.18 10.60 35.68
N ARG D 236 -34.69 9.57 34.98
CA ARG D 236 -33.36 9.63 34.36
C ARG D 236 -33.46 9.49 32.84
N GLY D 237 -34.59 9.93 32.26
CA GLY D 237 -34.77 9.85 30.83
C GLY D 237 -35.16 8.46 30.36
N MET D 238 -34.77 8.15 29.13
CA MET D 238 -34.97 6.81 28.57
C MET D 238 -33.83 5.91 29.03
N THR D 239 -34.12 4.96 29.93
CA THR D 239 -33.11 4.12 30.53
C THR D 239 -32.92 2.78 29.84
N ALA D 240 -33.84 2.40 28.96
CA ALA D 240 -33.72 1.17 28.19
C ALA D 240 -34.59 1.31 26.95
N SER D 241 -34.44 0.34 26.06
CA SER D 241 -35.31 0.21 24.91
C SER D 241 -35.43 -1.27 24.63
N GLY D 242 -36.48 -1.66 23.90
CA GLY D 242 -36.66 -3.07 23.63
C GLY D 242 -37.27 -3.30 22.27
N MET D 243 -37.29 -4.57 21.89
CA MET D 243 -37.95 -5.01 20.67
C MET D 243 -38.86 -6.17 21.00
N ILE D 244 -40.15 -6.00 20.77
CA ILE D 244 -41.11 -7.08 20.92
C ILE D 244 -41.34 -7.67 19.53
N VAL D 245 -41.15 -8.97 19.37
CA VAL D 245 -41.24 -9.61 18.07
C VAL D 245 -42.31 -10.69 18.08
N ILE D 246 -43.34 -10.49 17.29
CA ILE D 246 -44.35 -11.51 17.10
C ILE D 246 -43.94 -12.36 15.90
N ASN D 247 -44.06 -13.68 16.05
CA ASN D 247 -43.59 -14.64 15.06
C ASN D 247 -42.12 -14.37 14.69
N PRO D 248 -41.21 -14.47 15.64
CA PRO D 248 -39.78 -14.33 15.31
C PRO D 248 -39.30 -15.54 14.53
N PRO D 249 -38.38 -15.34 13.58
CA PRO D 249 -37.73 -16.50 12.96
C PRO D 249 -37.20 -17.43 14.05
N TRP D 250 -37.20 -18.72 13.77
CA TRP D 250 -36.88 -19.68 14.82
C TRP D 250 -35.50 -19.44 15.40
N LYS D 251 -34.58 -18.88 14.60
CA LYS D 251 -33.21 -18.64 15.02
C LYS D 251 -33.03 -17.42 15.92
N LEU D 252 -34.00 -16.50 15.93
CA LEU D 252 -33.74 -15.18 16.49
C LEU D 252 -33.43 -15.25 17.98
N GLU D 253 -34.11 -16.13 18.71
CA GLU D 253 -33.79 -16.31 20.12
C GLU D 253 -32.32 -16.70 20.31
N GLN D 254 -31.87 -17.71 19.58
CA GLN D 254 -30.48 -18.12 19.65
C GLN D 254 -29.54 -16.95 19.35
N GLN D 255 -29.82 -16.19 18.28
CA GLN D 255 -28.90 -15.12 17.86
C GLN D 255 -28.80 -14.02 18.92
N MET D 256 -29.95 -13.57 19.43
CA MET D 256 -29.92 -12.50 20.43
C MET D 256 -29.24 -12.96 21.71
N ASN D 257 -29.38 -14.24 22.07
CA ASN D 257 -28.68 -14.75 23.23
C ASN D 257 -27.17 -14.57 23.09
N ASN D 258 -26.65 -14.96 21.93
CA ASN D 258 -25.20 -14.85 21.68
C ASN D 258 -24.74 -13.41 21.69
N VAL D 259 -25.53 -12.51 21.11
CA VAL D 259 -25.02 -11.18 20.82
C VAL D 259 -25.36 -10.17 21.92
N LEU D 260 -26.48 -10.37 22.65
CA LEU D 260 -26.91 -9.37 23.62
C LEU D 260 -25.84 -9.06 24.66
N PRO D 261 -25.19 -10.03 25.30
CA PRO D 261 -24.17 -9.65 26.29
C PRO D 261 -22.91 -9.03 25.69
N TRP D 262 -22.56 -9.36 24.43
CA TRP D 262 -21.49 -8.61 23.78
C TRP D 262 -21.91 -7.16 23.52
N LEU D 263 -23.09 -6.97 22.93
CA LEU D 263 -23.62 -5.62 22.71
C LEU D 263 -23.67 -4.82 23.99
N HIS D 264 -24.12 -5.43 25.10
CA HIS D 264 -24.24 -4.69 26.34
C HIS D 264 -22.86 -4.33 26.89
N SER D 265 -21.89 -5.23 26.72
CA SER D 265 -20.51 -4.94 27.11
C SER D 265 -19.96 -3.72 26.36
N LYS D 266 -20.22 -3.64 25.05
CA LYS D 266 -19.66 -2.53 24.28
C LYS D 266 -20.47 -1.26 24.49
N LEU D 267 -21.79 -1.38 24.57
CA LEU D 267 -22.64 -0.20 24.72
C LEU D 267 -22.61 0.36 26.14
N VAL D 268 -22.34 -0.45 27.14
CA VAL D 268 -22.39 0.00 28.54
C VAL D 268 -21.11 -0.43 29.28
N PRO D 269 -19.96 0.20 29.00
CA PRO D 269 -18.72 -0.20 29.67
C PRO D 269 -18.83 -0.38 31.19
N ALA D 270 -19.60 0.47 31.87
CA ALA D 270 -19.73 0.33 33.32
C ALA D 270 -20.50 -0.95 33.67
N GLY D 271 -21.48 -1.33 32.87
CA GLY D 271 -22.23 -2.54 33.12
C GLY D 271 -23.46 -2.38 33.97
N THR D 272 -24.09 -1.21 33.98
CA THR D 272 -25.36 -1.03 34.63
C THR D 272 -26.49 -1.45 33.68
N GLY D 273 -27.71 -1.54 34.22
CA GLY D 273 -28.81 -2.00 33.40
C GLY D 273 -28.78 -3.51 33.22
N HIS D 274 -29.27 -3.97 32.05
CA HIS D 274 -29.45 -5.40 31.80
C HIS D 274 -29.64 -5.64 30.31
N ALA D 275 -29.63 -6.90 29.93
CA ALA D 275 -29.88 -7.29 28.55
C ALA D 275 -30.54 -8.67 28.56
N THR D 276 -31.80 -8.73 28.12
CA THR D 276 -32.60 -9.92 28.35
C THR D 276 -33.35 -10.28 27.08
N VAL D 277 -33.60 -11.56 26.91
CA VAL D 277 -34.50 -12.05 25.90
C VAL D 277 -35.41 -13.06 26.56
N SER D 278 -36.71 -12.92 26.34
CA SER D 278 -37.67 -13.72 27.07
C SER D 278 -38.97 -13.76 26.28
N TRP D 279 -39.75 -14.81 26.48
CA TRP D 279 -41.03 -14.96 25.82
C TRP D 279 -42.12 -14.34 26.70
N ILE D 280 -42.80 -13.32 26.16
CA ILE D 280 -44.03 -12.87 26.79
C ILE D 280 -45.09 -13.96 26.67
N VAL D 281 -45.24 -14.50 25.47
CA VAL D 281 -46.21 -15.56 25.24
C VAL D 281 -45.55 -16.63 24.37
N PRO D 282 -45.55 -17.88 24.79
CA PRO D 282 -44.91 -18.91 23.97
C PRO D 282 -45.74 -19.25 22.73
N GLU D 283 -45.19 -20.09 21.86
CA GLU D 283 -45.99 -20.70 20.81
C GLU D 283 -47.22 -21.39 21.43
C4 HY8 E . -12.18 -18.82 -13.16
C14 HY8 E . -11.85 -15.52 -19.30
C5 HY8 E . -14.66 -18.25 -10.73
C6 HY8 E . -11.98 -20.04 -15.46
C11 HY8 E . -11.20 -18.93 -19.75
C7 HY8 E . -11.88 -19.61 -16.79
C8 HY8 E . -12.03 -17.87 -15.47
C9 HY8 E . -11.84 -22.23 -16.19
C10 HY8 E . -11.78 -20.58 -17.82
C12 HY8 E . -12.32 -18.16 -20.48
C13 HY8 E . -11.77 -17.01 -21.35
N1 HY8 E . -12.04 -18.94 -14.68
N2 HY8 E . -11.94 -18.25 -16.74
C3 HY8 E . -11.24 -18.93 -12.29
N3 HY8 E . -11.95 -21.37 -15.20
C1 HY8 E . -13.30 -18.42 -11.52
C15 HY8 E . -10.56 -14.91 -21.18
C16 HY8 E . -10.90 -13.98 -22.36
C17 HY8 E . -10.30 -12.56 -22.26
C18 HY8 E . -11.40 -11.71 -21.65
C19 HY8 E . -13.30 -15.40 -18.66
C2 HY8 E . -12.15 -18.54 -10.94
C20 HY8 E . -13.75 -14.27 -18.13
C21 HY8 E . -15.42 -14.52 -18.10
C22 HY8 E . -15.57 -15.71 -18.47
C23 HY8 E . -15.52 -17.98 -17.39
C24 HY8 E . -15.31 -18.46 -16.10
C25 HY8 E . -15.12 -16.30 -16.06
C26 HY8 E . -15.85 -20.14 -18.17
C27 HY8 E . -15.39 -19.86 -15.91
N10 HY8 E . -15.78 -18.84 -18.38
N11 HY8 E . -15.66 -20.65 -16.95
N12 HY8 E . -15.18 -20.42 -14.61
N4 HY8 E . -11.75 -21.87 -17.48
N5 HY8 E . -11.69 -20.22 -19.27
N6 HY8 E . -11.82 -15.63 -20.77
N7 HY8 E . -9.07 -12.50 -21.49
N8 HY8 E . -15.40 -16.64 -17.32
N9 HY8 E . -15.07 -17.40 -15.31
O1 HY8 E . -13.34 -19.61 -12.50
O2 HY8 E . -15.46 -17.61 -11.74
O3 HY8 E . -12.08 -19.65 -9.99
O4 HY8 E . -10.72 -20.30 -12.08
O5 HY8 E . -12.58 -11.95 -22.05
O6 HY8 E . -11.12 -10.80 -20.80
O7 HY8 E . -14.41 -15.92 -19.58
O8 HY8 E . -13.53 -13.05 -18.84
O9 HY8 E . -16.03 -13.61 -19.05
C4 HY8 F . 21.35 2.55 24.02
C14 HY8 F . 13.87 -1.08 22.46
C5 HY8 F . 22.69 3.12 27.40
C6 HY8 F . 19.06 2.89 23.04
C11 HY8 F . 16.53 1.52 19.67
C7 HY8 F . 18.32 2.40 21.97
C8 HY8 F . 20.28 1.41 21.98
C9 HY8 F . 17.31 4.30 23.68
C10 HY8 F . 17.00 2.94 21.79
C12 HY8 F . 15.87 0.19 20.03
C13 HY8 F . 14.62 0.51 20.88
N1 HY8 F . 20.25 2.24 23.02
N2 HY8 F . 19.11 1.50 21.35
C3 HY8 F . 22.54 2.36 23.65
N3 HY8 F . 18.54 3.82 23.87
C1 HY8 F . 22.29 3.07 25.86
C15 HY8 F . 12.32 -0.22 20.73
C16 HY8 F . 11.70 0.59 21.92
C17 HY8 F . 10.27 1.08 21.66
C18 HY8 F . 10.00 2.13 22.72
C19 HY8 F . 14.14 -2.63 22.44
C2 HY8 F . 23.28 2.98 25.02
C20 HY8 F . 14.09 -3.25 23.58
C21 HY8 F . 13.35 -4.74 23.25
C22 HY8 F . 13.22 -4.85 22.01
C23 HY8 F . 15.00 -6.61 21.76
C24 HY8 F . 16.15 -6.76 21.01
C25 HY8 F . 15.23 -4.86 20.49
C26 HY8 F . 15.41 -8.67 22.76
C27 HY8 F . 16.91 -7.94 21.17
N10 HY8 F . 14.67 -7.59 22.62
N11 HY8 F . 16.51 -8.85 22.05
N12 HY8 F . 18.11 -8.16 20.42
N4 HY8 F . 16.57 3.85 22.65
N5 HY8 F . 16.11 2.51 20.68
N6 HY8 F . 13.73 -0.66 21.04
N7 HY8 F . 10.13 1.71 20.37
N8 HY8 F . 14.45 -5.42 21.41
N9 HY8 F . 16.26 -5.66 20.24
O1 HY8 F . 21.33 1.93 25.44
O2 HY8 F . 22.28 4.42 27.84
O3 HY8 F . 24.35 2.13 25.50
O4 HY8 F . 22.83 0.94 23.45
O5 HY8 F . 9.69 1.76 23.89
O6 HY8 F . 10.14 3.37 22.46
O7 HY8 F . 13.07 -3.30 21.57
O8 HY8 F . 13.33 -2.60 24.60
O9 HY8 F . 12.05 -4.74 23.93
C4 HY8 G . 42.02 -8.89 -16.15
C14 HY8 G . 40.22 -4.09 -11.98
C5 HY8 G . 44.68 -10.84 -17.57
C6 HY8 G . 42.26 -9.11 -13.52
C11 HY8 G . 40.83 -7.00 -9.76
C7 HY8 G . 41.85 -8.35 -12.43
C8 HY8 G . 41.18 -7.39 -14.28
C9 HY8 G . 43.26 -10.65 -12.05
C10 HY8 G . 42.18 -8.80 -11.11
C12 HY8 G . 41.47 -5.60 -9.82
C13 HY8 G . 40.41 -4.51 -9.50
N1 HY8 G . 41.82 -8.49 -14.67
N2 HY8 G . 41.18 -7.29 -12.94
C3 HY8 G . 41.69 -10.07 -16.53
N3 HY8 G . 42.95 -10.25 -13.28
C1 HY8 G . 43.61 -9.72 -17.86
C15 HY8 G . 38.64 -3.15 -10.46
C16 HY8 G . 38.63 -1.78 -9.78
C17 HY8 G . 37.62 -0.77 -10.37
C18 HY8 G . 38.33 0.09 -11.39
C19 HY8 G . 41.59 -3.66 -12.68
C2 HY8 G . 42.44 -10.20 -18.01
C20 HY8 G . 41.64 -2.74 -13.61
C21 HY8 G . 43.32 -2.43 -13.72
C22 HY8 G . 43.82 -3.14 -12.83
C23 HY8 G . 44.57 -5.52 -12.68
C24 HY8 G . 44.71 -6.56 -13.57
C25 HY8 G . 43.94 -4.86 -14.66
C26 HY8 G . 45.36 -6.85 -10.96
C27 HY8 G . 45.19 -7.78 -13.08
N10 HY8 G . 44.90 -5.69 -11.39
N11 HY8 G . 45.50 -7.89 -11.79
N12 HY8 G . 45.36 -8.89 -13.98
N4 HY8 G . 42.88 -9.93 -10.99
N5 HY8 G . 41.83 -8.09 -9.85
N6 HY8 G . 40.08 -3.57 -10.60
N7 HY8 G . 36.42 -1.40 -10.89
N8 HY8 G . 44.09 -4.48 -13.39
N9 HY8 G . 44.30 -6.12 -14.78
O1 HY8 G . 43.51 -8.77 -16.63
O2 HY8 G . 45.44 -11.11 -18.75
O3 HY8 G . 42.49 -11.62 -18.38
O4 HY8 G . 42.26 -11.13 -15.70
O5 HY8 G . 39.48 0.55 -11.12
O6 HY8 G . 37.75 0.34 -12.50
O7 HY8 G . 42.67 -3.22 -11.69
O8 HY8 G . 40.98 -1.52 -13.30
O9 HY8 G . 43.63 -1.04 -13.40
C14 HY8 H . -36.40 6.70 14.24
C6 HY8 H . -40.81 12.14 15.97
C11 HY8 H . -38.18 10.68 12.60
C7 HY8 H . -40.30 11.31 14.99
C9 HY8 H . -40.98 13.86 14.42
C10 HY8 H . -40.16 11.82 13.67
C12 HY8 H . -37.88 9.67 13.72
C13 HY8 H . -37.76 8.28 13.08
N3 HY8 H . -41.14 13.41 15.66
C15 HY8 H . -38.34 6.00 13.20
C16 HY8 H . -37.47 5.90 11.91
C17 HY8 H . -37.13 4.51 11.35
C18 HY8 H . -35.68 4.21 11.66
C19 HY8 H . -35.56 7.46 15.33
C20 HY8 H . -34.57 6.71 15.73
C21 HY8 H . -33.21 7.69 15.79
C22 HY8 H . -33.63 8.86 15.72
C23 HY8 H . -34.68 10.51 17.29
C24 HY8 H . -34.87 10.58 18.66
C25 HY8 H . -33.84 8.72 18.21
N4 HY8 H . -40.50 13.09 13.44
N5 HY8 H . -39.62 10.98 12.57
N6 HY8 H . -37.80 7.14 14.03
N7 HY8 H . -37.95 3.44 11.88
N8 HY8 H . -34.04 9.34 17.05
N9 HY8 H . -34.35 9.46 19.19
O5 HY8 H . -34.80 4.98 11.17
O6 HY8 H . -35.38 3.23 12.39
O7 HY8 H . -34.90 8.70 14.72
O8 HY8 H . -34.28 5.67 14.78
O9 HY8 H . -32.47 7.41 14.57
#